data_4RQL
#
_entry.id   4RQL
#
_cell.length_a   78.330
_cell.length_b   78.330
_cell.length_c   202.991
_cell.angle_alpha   90.00
_cell.angle_beta   90.00
_cell.angle_gamma   120.00
#
_symmetry.space_group_name_H-M   'P 32'
#
loop_
_entity.id
_entity.type
_entity.pdbx_description
1 polymer 'Cytochrome P450 2B6'
2 non-polymer 'PROTOPORPHYRIN IX CONTAINING FE'
3 non-polymer 5-CYCLOHEXYL-1-PENTYL-BETA-D-MALTOSIDE
4 non-polymer Sabinene
5 non-polymer 1,2-ETHANEDIOL
6 water water
#
_entity_poly.entity_id   1
_entity_poly.type   'polypeptide(L)'
_entity_poly.pdbx_seq_one_letter_code
;MAKKTSSKGKLPPGPRPLPLLGNLLQMDRRGLLKSFLRFREKYGDVFTVHLGPRPVVMLCGVEAIREALVDKAEAFSGRG
KIAMVDPFFRGYGVIFANGNRWKVLRRFSVTTMRDFGMGKRSVEERIQEEAQCLIEELRKSKGALMDPTFLFQSITANII
CSIVFGKRFHYQDQEFLKMLNLFYQTFSLISSVFGQLFELFSGFLKHFPGAHRQVYKNLQEINAYIGHSVEKHRETLDPS
APRDLIDTYLLHMEKEKSNAHSEFSHQNLNLNTLSLFFAGTETTSTTLRYGFLLMLKYPHVAERVYREIEQVIGPHRPPE
LHDRAKMPYTEAVIYEIQRFSDLLPMGVPHIVTQHTSFRGYIIPKDTEVFLILSTALHDPHYFEKPDAFNPDHFLDANGA
LKKTEAFIPFSLGKRICLGEGIARAELFLFFTTILQNFSMASPVAPEDIDLTPQECGVGKIPPTYQIRFLPRHHHH
;
_entity_poly.pdbx_strand_id   A,B
#
loop_
_chem_comp.id
_chem_comp.type
_chem_comp.name
_chem_comp.formula
CM5 non-polymer 5-CYCLOHEXYL-1-PENTYL-BETA-D-MALTOSIDE 'C23 H42 O11'
EDO non-polymer 1,2-ETHANEDIOL 'C2 H6 O2'
HEM non-polymer 'PROTOPORPHYRIN IX CONTAINING FE' 'C34 H32 Fe N4 O4'
SNE non-polymer Sabinene 'C10 H16'
#
# COMPACT_ATOMS: atom_id res chain seq x y z
N GLY A 9 -26.05 -14.64 -13.90
CA GLY A 9 -24.84 -13.96 -14.46
C GLY A 9 -25.27 -12.62 -15.03
N LYS A 10 -25.74 -11.71 -14.16
CA LYS A 10 -26.00 -10.30 -14.56
C LYS A 10 -25.86 -9.35 -13.36
N LEU A 11 -25.39 -8.12 -13.65
CA LEU A 11 -25.37 -7.04 -12.69
C LEU A 11 -26.82 -6.66 -12.36
N PRO A 12 -27.07 -6.04 -11.25
CA PRO A 12 -28.39 -5.52 -10.97
C PRO A 12 -28.91 -4.65 -12.10
N PRO A 13 -30.22 -4.49 -12.20
CA PRO A 13 -30.80 -3.71 -13.28
C PRO A 13 -30.65 -2.23 -12.98
N GLY A 14 -30.85 -1.38 -14.00
CA GLY A 14 -30.88 0.03 -13.80
C GLY A 14 -31.04 0.79 -15.09
N PRO A 15 -31.00 2.11 -15.02
CA PRO A 15 -31.28 2.90 -16.21
C PRO A 15 -30.21 2.64 -17.31
N ARG A 16 -30.62 2.69 -18.57
CA ARG A 16 -29.74 2.28 -19.68
C ARG A 16 -28.71 3.42 -19.87
N PRO A 17 -27.43 3.11 -19.84
CA PRO A 17 -26.41 4.16 -19.98
C PRO A 17 -26.07 4.52 -21.44
N LEU A 18 -25.46 5.68 -21.68
CA LEU A 18 -24.73 6.01 -22.93
C LEU A 18 -23.22 5.82 -22.80
N PRO A 19 -22.53 5.55 -23.87
CA PRO A 19 -21.09 5.59 -23.75
C PRO A 19 -20.64 7.00 -23.41
N LEU A 20 -19.62 7.14 -22.57
CA LEU A 20 -19.03 8.39 -22.08
C LEU A 20 -19.82 9.06 -20.96
N LEU A 21 -21.10 9.19 -21.13
CA LEU A 21 -21.88 9.89 -20.18
C LEU A 21 -22.52 9.02 -19.11
N GLY A 22 -22.48 7.71 -19.24
CA GLY A 22 -23.08 6.78 -18.32
C GLY A 22 -24.54 7.21 -18.18
N ASN A 23 -25.04 7.26 -16.97
CA ASN A 23 -26.43 7.63 -16.80
C ASN A 23 -26.65 9.13 -16.63
N LEU A 24 -25.69 9.98 -17.04
CA LEU A 24 -25.82 11.42 -16.71
C LEU A 24 -27.17 11.98 -17.05
N LEU A 25 -27.65 11.65 -18.25
CA LEU A 25 -28.87 12.28 -18.74
C LEU A 25 -30.13 11.79 -18.03
N GLN A 26 -30.02 10.71 -17.26
CA GLN A 26 -31.16 10.26 -16.41
C GLN A 26 -31.12 10.81 -14.96
N MET A 27 -30.08 11.59 -14.63
CA MET A 27 -29.89 12.06 -13.24
C MET A 27 -30.79 13.22 -12.90
N ASP A 28 -30.92 13.46 -11.60
CA ASP A 28 -31.64 14.62 -11.09
C ASP A 28 -30.63 15.72 -10.80
N ARG A 29 -30.94 16.95 -11.24
CA ARG A 29 -30.10 18.16 -10.99
C ARG A 29 -29.83 18.36 -9.53
N ARG A 30 -30.79 17.99 -8.68
CA ARG A 30 -30.64 18.25 -7.25
C ARG A 30 -29.65 17.36 -6.53
N GLY A 31 -28.92 16.50 -7.25
CA GLY A 31 -27.86 15.64 -6.65
C GLY A 31 -27.91 14.15 -6.86
N LEU A 32 -26.82 13.50 -6.47
CA LEU A 32 -26.72 12.06 -6.46
C LEU A 32 -27.81 11.38 -5.64
N LEU A 33 -27.96 11.76 -4.39
CA LEU A 33 -28.90 11.10 -3.54
C LEU A 33 -30.32 11.13 -4.24
N LYS A 34 -30.81 12.31 -4.62
CA LYS A 34 -32.13 12.40 -5.30
C LYS A 34 -32.16 11.54 -6.55
N SER A 35 -31.05 11.52 -7.31
CA SER A 35 -30.99 10.68 -8.50
C SER A 35 -31.20 9.28 -8.12
N PHE A 36 -30.52 8.85 -7.07
CA PHE A 36 -30.64 7.47 -6.71
C PHE A 36 -32.01 7.10 -6.10
N LEU A 37 -32.67 8.02 -5.43
CA LEU A 37 -33.95 7.69 -4.86
C LEU A 37 -35.01 7.52 -5.93
N ARG A 38 -34.82 8.16 -7.05
CA ARG A 38 -35.71 7.98 -8.18
C ARG A 38 -35.50 6.63 -8.83
N PHE A 39 -34.27 6.24 -8.96
CA PHE A 39 -33.94 4.97 -9.53
C PHE A 39 -34.53 3.90 -8.65
N ARG A 40 -34.48 4.07 -7.37
CA ARG A 40 -34.99 3.10 -6.46
C ARG A 40 -36.47 2.85 -6.70
N GLU A 41 -37.24 3.90 -6.97
CA GLU A 41 -38.67 3.91 -7.33
C GLU A 41 -38.94 2.89 -8.39
N LYS A 42 -38.28 3.10 -9.50
CA LYS A 42 -38.34 2.25 -10.65
C LYS A 42 -37.73 0.87 -10.48
N TYR A 43 -36.59 0.73 -9.85
CA TYR A 43 -35.85 -0.57 -9.90
C TYR A 43 -35.84 -1.35 -8.61
N GLY A 44 -36.28 -0.74 -7.50
CA GLY A 44 -36.21 -1.45 -6.20
C GLY A 44 -34.89 -1.26 -5.45
N ASP A 45 -34.60 -2.18 -4.55
CA ASP A 45 -33.60 -1.90 -3.58
C ASP A 45 -32.14 -2.13 -4.05
N VAL A 46 -31.92 -2.79 -5.19
CA VAL A 46 -30.60 -3.20 -5.66
C VAL A 46 -30.54 -2.88 -7.13
N PHE A 47 -29.80 -1.85 -7.52
CA PHE A 47 -29.70 -1.45 -8.93
C PHE A 47 -28.30 -0.92 -9.29
N THR A 48 -28.03 -0.75 -10.58
CA THR A 48 -26.71 -0.31 -11.05
C THR A 48 -26.91 1.06 -11.66
N VAL A 49 -26.04 2.01 -11.32
CA VAL A 49 -25.98 3.29 -12.01
C VAL A 49 -24.58 3.48 -12.54
N HIS A 50 -24.47 4.02 -13.77
CA HIS A 50 -23.17 4.25 -14.35
C HIS A 50 -22.84 5.68 -14.09
N LEU A 51 -21.81 5.91 -13.27
CA LEU A 51 -21.40 7.26 -12.90
C LEU A 51 -20.27 7.58 -13.83
N GLY A 52 -20.57 8.30 -14.92
CA GLY A 52 -19.64 8.39 -16.07
C GLY A 52 -19.19 6.99 -16.56
N PRO A 53 -17.90 6.67 -16.44
CA PRO A 53 -17.42 5.36 -16.92
C PRO A 53 -17.49 4.20 -15.91
N ARG A 54 -17.98 4.40 -14.69
CA ARG A 54 -18.01 3.28 -13.70
C ARG A 54 -19.44 2.87 -13.36
N PRO A 55 -19.72 1.57 -13.42
CA PRO A 55 -20.97 1.03 -12.87
C PRO A 55 -20.85 0.98 -11.36
N VAL A 56 -21.82 1.57 -10.67
CA VAL A 56 -21.79 1.53 -9.23
C VAL A 56 -23.06 0.85 -8.72
N VAL A 57 -22.92 -0.13 -7.84
CA VAL A 57 -24.10 -0.80 -7.37
C VAL A 57 -24.66 -0.08 -6.15
N MET A 58 -25.96 0.25 -6.18
CA MET A 58 -26.59 0.91 -5.03
C MET A 58 -27.40 -0.12 -4.23
N LEU A 59 -27.20 -0.15 -2.91
CA LEU A 59 -27.99 -1.00 -2.05
C LEU A 59 -28.81 -0.15 -1.12
N CYS A 60 -30.13 -0.35 -1.10
CA CYS A 60 -31.03 0.51 -0.31
C CYS A 60 -31.81 -0.33 0.67
N GLY A 61 -32.18 0.28 1.81
CA GLY A 61 -32.97 -0.39 2.86
C GLY A 61 -32.06 -1.13 3.84
N VAL A 62 -32.45 -1.23 5.11
CA VAL A 62 -31.61 -1.92 6.09
C VAL A 62 -31.39 -3.40 5.78
N GLU A 63 -32.40 -4.05 5.22
CA GLU A 63 -32.25 -5.49 4.94
C GLU A 63 -31.11 -5.75 3.92
N ALA A 64 -31.11 -5.05 2.78
CA ALA A 64 -30.08 -5.26 1.76
C ALA A 64 -28.71 -4.84 2.27
N ILE A 65 -28.63 -3.70 2.95
CA ILE A 65 -27.38 -3.19 3.47
C ILE A 65 -26.75 -4.16 4.51
N ARG A 66 -27.57 -4.62 5.45
CA ARG A 66 -27.15 -5.58 6.46
C ARG A 66 -26.82 -6.89 5.79
N GLU A 67 -27.55 -7.24 4.73
CA GLU A 67 -27.22 -8.50 4.11
C GLU A 67 -25.83 -8.41 3.46
N ALA A 68 -25.51 -7.25 2.88
CA ALA A 68 -24.20 -7.10 2.27
C ALA A 68 -23.04 -6.98 3.27
N LEU A 69 -23.12 -6.01 4.20
CA LEU A 69 -21.97 -5.67 5.09
C LEU A 69 -21.76 -6.68 6.19
N VAL A 70 -22.83 -7.28 6.68
CA VAL A 70 -22.72 -8.26 7.74
C VAL A 70 -22.68 -9.74 7.27
N ASP A 71 -23.71 -10.20 6.54
CA ASP A 71 -23.77 -11.58 6.07
C ASP A 71 -22.79 -11.90 4.93
N LYS A 72 -22.49 -10.91 4.08
CA LYS A 72 -21.52 -11.05 3.02
C LYS A 72 -20.24 -10.21 3.20
N ALA A 73 -19.82 -10.05 4.45
CA ALA A 73 -18.65 -9.26 4.78
C ALA A 73 -17.38 -9.71 4.04
N GLU A 74 -17.30 -11.01 3.70
CA GLU A 74 -16.09 -11.49 2.97
C GLU A 74 -15.99 -10.81 1.61
N ALA A 75 -17.10 -10.24 1.13
CA ALA A 75 -17.07 -9.72 -0.23
C ALA A 75 -17.29 -8.20 -0.29
N PHE A 76 -18.13 -7.70 0.63
CA PHE A 76 -18.54 -6.28 0.63
C PHE A 76 -17.72 -5.32 1.51
N SER A 77 -16.62 -5.80 2.14
CA SER A 77 -15.78 -5.01 3.03
C SER A 77 -14.66 -4.14 2.47
N GLY A 78 -14.57 -4.02 1.15
CA GLY A 78 -13.54 -3.18 0.52
C GLY A 78 -13.91 -1.73 0.58
N ARG A 79 -12.93 -0.84 0.40
CA ARG A 79 -13.18 0.57 0.44
C ARG A 79 -13.06 1.09 -0.96
N GLY A 80 -14.06 1.84 -1.42
CA GLY A 80 -14.02 2.48 -2.76
C GLY A 80 -13.39 3.88 -2.71
N LYS A 81 -13.63 4.74 -3.68
CA LYS A 81 -12.98 6.02 -3.68
C LYS A 81 -13.96 7.17 -3.56
N ILE A 82 -13.54 8.23 -2.89
CA ILE A 82 -14.22 9.52 -3.09
C ILE A 82 -13.34 10.32 -4.03
N ALA A 83 -13.82 10.49 -5.28
CA ALA A 83 -13.02 11.15 -6.32
C ALA A 83 -12.45 12.49 -5.88
N MET A 84 -13.18 13.26 -5.09
CA MET A 84 -12.66 14.58 -4.70
C MET A 84 -11.37 14.51 -3.86
N VAL A 85 -11.15 13.42 -3.12
CA VAL A 85 -10.04 13.42 -2.16
C VAL A 85 -9.11 12.27 -2.47
N ASP A 86 -9.49 11.39 -3.40
CA ASP A 86 -8.59 10.30 -3.76
C ASP A 86 -7.20 10.81 -4.23
N PRO A 87 -7.15 11.95 -4.96
CA PRO A 87 -5.80 12.34 -5.45
C PRO A 87 -4.90 12.66 -4.28
N PHE A 88 -5.53 12.92 -3.12
CA PHE A 88 -4.73 13.24 -1.97
C PHE A 88 -4.46 11.98 -1.18
N PHE A 89 -5.52 11.24 -0.78
CA PHE A 89 -5.28 10.13 0.11
C PHE A 89 -4.65 8.95 -0.59
N ARG A 90 -5.03 8.68 -1.83
CA ARG A 90 -4.42 7.60 -2.60
C ARG A 90 -4.28 6.27 -1.84
N GLY A 91 -5.32 5.92 -1.07
CA GLY A 91 -5.36 4.62 -0.39
C GLY A 91 -4.43 4.53 0.81
N TYR A 92 -3.92 5.68 1.29
CA TYR A 92 -3.17 5.76 2.61
C TYR A 92 -4.10 6.18 3.73
N GLY A 93 -3.83 5.74 4.94
CA GLY A 93 -4.66 6.07 6.08
C GLY A 93 -5.80 5.05 6.19
N VAL A 94 -6.37 4.95 7.39
CA VAL A 94 -7.29 3.87 7.74
C VAL A 94 -8.60 3.98 6.97
N ILE A 95 -9.05 5.20 6.68
CA ILE A 95 -10.34 5.36 6.00
C ILE A 95 -10.29 4.82 4.54
N PHE A 96 -9.20 5.15 3.86
CA PHE A 96 -9.09 4.84 2.44
C PHE A 96 -8.28 3.63 2.08
N ALA A 97 -7.72 2.98 3.08
CA ALA A 97 -6.86 1.81 2.83
C ALA A 97 -7.69 0.56 2.61
N ASN A 98 -7.10 -0.37 1.85
CA ASN A 98 -7.57 -1.74 1.67
C ASN A 98 -6.55 -2.81 2.12
N GLY A 99 -7.02 -4.06 2.14
CA GLY A 99 -6.15 -5.21 2.26
C GLY A 99 -5.35 -5.12 3.53
N ASN A 100 -4.14 -5.67 3.48
CA ASN A 100 -3.22 -5.64 4.62
C ASN A 100 -2.96 -4.26 5.24
N ARG A 101 -2.83 -3.23 4.39
CA ARG A 101 -2.64 -1.88 4.90
C ARG A 101 -3.83 -1.49 5.79
N TRP A 102 -5.05 -1.86 5.36
CA TRP A 102 -6.24 -1.58 6.22
C TRP A 102 -6.22 -2.32 7.53
N LYS A 103 -5.98 -3.63 7.48
CA LYS A 103 -5.98 -4.46 8.68
C LYS A 103 -5.04 -3.87 9.71
N VAL A 104 -3.82 -3.55 9.31
CA VAL A 104 -2.83 -2.93 10.16
C VAL A 104 -3.27 -1.58 10.70
N LEU A 105 -3.62 -0.65 9.84
CA LEU A 105 -4.08 0.66 10.28
C LEU A 105 -5.32 0.60 11.19
N ARG A 106 -6.28 -0.29 10.92
CA ARG A 106 -7.49 -0.38 11.70
C ARG A 106 -7.22 -0.91 13.10
N ARG A 107 -6.39 -1.95 13.18
CA ARG A 107 -5.99 -2.51 14.46
C ARG A 107 -5.28 -1.46 15.29
N PHE A 108 -4.34 -0.75 14.67
CA PHE A 108 -3.63 0.31 15.34
C PHE A 108 -4.57 1.39 15.84
N SER A 109 -5.37 1.94 14.94
CA SER A 109 -6.22 3.05 15.28
C SER A 109 -7.24 2.62 16.35
N VAL A 110 -7.85 1.45 16.21
CA VAL A 110 -8.83 1.06 17.19
C VAL A 110 -8.17 1.01 18.60
N THR A 111 -7.04 0.32 18.72
CA THR A 111 -6.42 0.18 20.01
C THR A 111 -6.03 1.54 20.55
N THR A 112 -5.42 2.38 19.68
CA THR A 112 -4.87 3.61 20.22
C THR A 112 -5.93 4.67 20.41
N MET A 113 -7.08 4.56 19.74
CA MET A 113 -8.22 5.44 20.00
C MET A 113 -8.94 5.08 21.32
N ARG A 114 -8.46 4.03 22.00
CA ARG A 114 -9.08 3.61 23.27
C ARG A 114 -8.15 3.41 24.52
N ASP A 115 -7.04 2.68 24.38
CA ASP A 115 -6.09 2.48 25.47
C ASP A 115 -5.00 3.51 25.37
N PHE A 116 -4.83 4.36 26.38
CA PHE A 116 -3.88 5.47 26.24
C PHE A 116 -2.59 5.41 27.07
N GLY A 117 -2.64 4.64 28.17
CA GLY A 117 -1.54 4.57 29.15
C GLY A 117 -2.14 4.75 30.54
N MET A 118 -1.60 4.02 31.53
CA MET A 118 -2.04 4.17 32.94
C MET A 118 -1.80 5.63 33.40
N GLY A 119 -2.77 6.20 34.12
CA GLY A 119 -2.73 7.62 34.52
C GLY A 119 -3.02 8.65 33.42
N LYS A 120 -3.34 8.21 32.20
CA LYS A 120 -3.88 9.11 31.16
C LYS A 120 -5.41 9.07 31.29
N ARG A 121 -6.08 10.19 31.05
CA ARG A 121 -7.53 10.34 31.17
C ARG A 121 -8.37 9.42 30.26
N SER A 122 -9.57 9.05 30.67
CA SER A 122 -10.47 8.28 29.79
C SER A 122 -11.03 9.21 28.70
N VAL A 123 -11.61 8.62 27.66
CA VAL A 123 -12.41 9.31 26.70
C VAL A 123 -13.45 10.23 27.44
N GLU A 124 -14.28 9.63 28.32
CA GLU A 124 -15.31 10.36 29.04
C GLU A 124 -14.73 11.57 29.74
N GLU A 125 -13.59 11.39 30.39
CA GLU A 125 -12.97 12.48 31.16
C GLU A 125 -12.51 13.65 30.30
N ARG A 126 -11.95 13.34 29.14
CA ARG A 126 -11.47 14.40 28.25
C ARG A 126 -12.67 15.15 27.76
N ILE A 127 -13.75 14.42 27.46
CA ILE A 127 -14.93 15.08 26.95
C ILE A 127 -15.55 15.91 28.02
N GLN A 128 -15.61 15.35 29.23
CA GLN A 128 -16.14 16.14 30.35
C GLN A 128 -15.36 17.43 30.55
N GLU A 129 -14.03 17.38 30.38
CA GLU A 129 -13.19 18.56 30.60
C GLU A 129 -13.43 19.53 29.47
N GLU A 130 -13.49 19.00 28.25
CA GLU A 130 -13.74 19.93 27.12
C GLU A 130 -15.11 20.59 27.28
N ALA A 131 -16.07 19.85 27.84
CA ALA A 131 -17.42 20.40 28.03
C ALA A 131 -17.41 21.56 28.98
N GLN A 132 -16.63 21.47 30.06
CA GLN A 132 -16.52 22.61 31.03
C GLN A 132 -15.86 23.79 30.37
N CYS A 133 -14.88 23.52 29.50
CA CYS A 133 -14.24 24.64 28.81
C CYS A 133 -15.24 25.31 27.89
N LEU A 134 -16.02 24.51 27.17
CA LEU A 134 -17.04 25.07 26.28
C LEU A 134 -18.05 25.91 27.07
N ILE A 135 -18.49 25.44 28.25
CA ILE A 135 -19.51 26.21 29.00
C ILE A 135 -18.93 27.51 29.47
N GLU A 136 -17.67 27.46 29.94
CA GLU A 136 -16.97 28.71 30.32
C GLU A 136 -16.88 29.66 29.11
N GLU A 137 -16.52 29.14 27.94
CA GLU A 137 -16.54 30.01 26.76
C GLU A 137 -17.93 30.60 26.44
N LEU A 138 -18.96 29.75 26.53
CA LEU A 138 -20.35 30.23 26.26
C LEU A 138 -20.75 31.29 27.30
N ARG A 139 -20.39 31.09 28.58
CA ARG A 139 -20.65 32.17 29.61
C ARG A 139 -20.04 33.49 29.20
N LYS A 140 -18.78 33.42 28.79
CA LYS A 140 -18.06 34.65 28.38
C LYS A 140 -18.72 35.34 27.19
N SER A 141 -19.48 34.61 26.38
CA SER A 141 -20.09 35.32 25.25
C SER A 141 -21.22 36.19 25.76
N LYS A 142 -21.69 35.96 26.99
CA LYS A 142 -22.85 36.75 27.52
C LYS A 142 -24.07 36.86 26.59
N GLY A 143 -24.49 35.77 26.00
CA GLY A 143 -25.74 35.83 25.21
C GLY A 143 -25.63 36.53 23.87
N ALA A 144 -24.42 36.84 23.45
CA ALA A 144 -24.20 37.40 22.11
C ALA A 144 -24.57 36.39 21.02
N LEU A 145 -25.04 36.91 19.89
CA LEU A 145 -25.24 36.07 18.72
C LEU A 145 -23.91 35.52 18.21
N MET A 146 -23.90 34.26 17.78
CA MET A 146 -22.75 33.67 17.08
C MET A 146 -23.24 32.62 16.08
N ASP A 147 -22.43 32.32 15.06
CA ASP A 147 -22.59 31.09 14.35
C ASP A 147 -21.73 30.14 15.14
N PRO A 148 -22.31 29.04 15.69
CA PRO A 148 -21.53 28.19 16.59
C PRO A 148 -20.65 27.17 15.91
N THR A 149 -20.57 27.17 14.59
CA THR A 149 -19.77 26.17 13.84
C THR A 149 -18.34 25.97 14.36
N PHE A 150 -17.56 27.07 14.42
CA PHE A 150 -16.19 27.02 14.96
C PHE A 150 -16.09 26.41 16.35
N LEU A 151 -17.02 26.72 17.25
CA LEU A 151 -16.91 26.15 18.61
C LEU A 151 -17.20 24.66 18.60
N PHE A 152 -18.18 24.26 17.78
CA PHE A 152 -18.55 22.83 17.71
C PHE A 152 -17.38 22.07 17.04
N GLN A 153 -16.75 22.65 16.02
CA GLN A 153 -15.50 21.97 15.51
C GLN A 153 -14.36 21.97 16.57
N SER A 154 -14.26 23.03 17.36
CA SER A 154 -13.16 23.07 18.34
C SER A 154 -13.27 22.01 19.37
N ILE A 155 -14.50 21.82 19.93
CA ILE A 155 -14.64 20.85 20.97
C ILE A 155 -14.43 19.44 20.47
N THR A 156 -14.81 19.12 19.22
CA THR A 156 -14.69 17.74 18.74
C THR A 156 -13.22 17.54 18.30
N ALA A 157 -12.65 18.53 17.63
CA ALA A 157 -11.21 18.49 17.30
C ALA A 157 -10.36 18.30 18.54
N ASN A 158 -10.71 18.99 19.64
CA ASN A 158 -9.91 18.92 20.86
C ASN A 158 -9.88 17.55 21.48
N ILE A 159 -10.95 16.77 21.33
CA ILE A 159 -10.95 15.40 21.86
C ILE A 159 -9.98 14.55 21.05
N ILE A 160 -10.02 14.68 19.73
CA ILE A 160 -9.05 13.96 18.89
C ILE A 160 -7.59 14.41 19.10
N CYS A 161 -7.37 15.71 19.19
CA CYS A 161 -6.10 16.30 19.55
C CYS A 161 -5.52 15.76 20.87
N SER A 162 -6.36 15.58 21.87
CA SER A 162 -5.81 15.17 23.12
C SER A 162 -5.31 13.74 22.95
N ILE A 163 -5.97 12.94 22.12
CA ILE A 163 -5.49 11.59 21.84
C ILE A 163 -4.26 11.56 20.89
N VAL A 164 -4.26 12.41 19.88
CA VAL A 164 -3.31 12.27 18.79
C VAL A 164 -2.03 13.03 19.09
N PHE A 165 -2.20 14.27 19.55
CA PHE A 165 -1.12 15.17 19.84
C PHE A 165 -0.86 15.34 21.30
N GLY A 166 -1.66 14.73 22.18
CA GLY A 166 -1.49 14.85 23.62
C GLY A 166 -1.76 16.22 24.23
N LYS A 167 -2.52 17.08 23.56
CA LYS A 167 -2.84 18.43 24.09
C LYS A 167 -4.18 18.91 23.49
N ARG A 168 -4.67 20.05 23.95
CA ARG A 168 -5.81 20.67 23.34
C ARG A 168 -5.35 22.08 22.96
N PHE A 169 -6.10 22.71 22.05
CA PHE A 169 -5.90 24.08 21.64
C PHE A 169 -6.97 24.96 22.21
N HIS A 170 -6.65 26.24 22.38
CA HIS A 170 -7.60 27.22 22.88
C HIS A 170 -8.49 27.71 21.80
N TYR A 171 -9.71 28.04 22.20
CA TYR A 171 -10.75 28.48 21.30
C TYR A 171 -10.41 29.78 20.53
N GLN A 172 -9.52 30.58 21.07
CA GLN A 172 -9.25 31.91 20.47
C GLN A 172 -7.90 31.91 19.73
N ASP A 173 -7.26 30.73 19.75
CA ASP A 173 -6.05 30.47 18.97
C ASP A 173 -6.39 30.52 17.45
N GLN A 174 -5.99 31.62 16.80
CA GLN A 174 -6.24 31.86 15.36
C GLN A 174 -5.55 30.86 14.40
N GLU A 175 -4.43 30.26 14.80
CA GLU A 175 -3.86 29.12 14.03
C GLU A 175 -4.65 27.79 14.12
N PHE A 176 -5.20 27.52 15.29
CA PHE A 176 -5.99 26.33 15.47
C PHE A 176 -7.19 26.56 14.59
N LEU A 177 -7.73 27.75 14.61
CA LEU A 177 -8.93 28.08 13.87
C LEU A 177 -8.71 28.06 12.35
N LYS A 178 -7.49 28.41 11.96
CA LYS A 178 -7.19 28.29 10.57
C LYS A 178 -7.32 26.80 10.09
N MET A 179 -6.86 25.82 10.85
CA MET A 179 -6.98 24.45 10.41
C MET A 179 -8.42 23.95 10.41
N LEU A 180 -9.20 24.38 11.40
CA LEU A 180 -10.63 24.12 11.45
C LEU A 180 -11.31 24.70 10.22
N ASN A 181 -10.89 25.91 9.81
CA ASN A 181 -11.43 26.46 8.61
C ASN A 181 -11.15 25.59 7.40
N LEU A 182 -9.92 25.05 7.28
CA LEU A 182 -9.62 24.18 6.17
C LEU A 182 -10.48 22.90 6.20
N PHE A 183 -10.68 22.27 7.35
CA PHE A 183 -11.51 21.03 7.40
C PHE A 183 -12.94 21.40 6.97
N TYR A 184 -13.49 22.49 7.52
CA TYR A 184 -14.84 22.97 7.18
C TYR A 184 -15.03 23.22 5.67
N GLN A 185 -14.18 24.05 5.08
CA GLN A 185 -14.28 24.32 3.63
C GLN A 185 -14.16 23.05 2.78
N THR A 186 -13.26 22.15 3.16
CA THR A 186 -13.01 20.95 2.38
C THR A 186 -14.28 20.08 2.34
N PHE A 187 -14.96 19.91 3.49
CA PHE A 187 -16.12 19.01 3.62
C PHE A 187 -17.21 19.66 2.80
N SER A 188 -17.27 20.98 2.81
CA SER A 188 -18.28 21.63 1.99
C SER A 188 -18.00 21.49 0.53
N LEU A 189 -16.73 21.66 0.13
CA LEU A 189 -16.44 21.57 -1.28
C LEU A 189 -16.61 20.12 -1.77
N ILE A 190 -16.26 19.14 -0.95
CA ILE A 190 -16.45 17.74 -1.34
C ILE A 190 -17.99 17.51 -1.55
N SER A 191 -18.83 18.09 -0.69
CA SER A 191 -20.29 17.75 -0.81
C SER A 191 -21.05 18.64 -1.80
N SER A 192 -20.37 19.59 -2.45
CA SER A 192 -21.05 20.50 -3.35
C SER A 192 -21.47 19.80 -4.66
N VAL A 193 -22.32 20.45 -5.41
CA VAL A 193 -22.72 19.94 -6.72
C VAL A 193 -21.46 19.61 -7.57
N PHE A 194 -20.49 20.53 -7.59
CA PHE A 194 -19.26 20.23 -8.28
C PHE A 194 -18.62 18.93 -7.82
N GLY A 195 -18.64 18.70 -6.52
CA GLY A 195 -17.97 17.56 -5.99
C GLY A 195 -18.70 16.31 -6.44
N GLN A 196 -20.00 16.46 -6.67
CA GLN A 196 -20.83 15.29 -7.03
C GLN A 196 -20.58 14.96 -8.49
N LEU A 197 -20.58 16.00 -9.31
CA LEU A 197 -20.23 15.90 -10.72
C LEU A 197 -18.83 15.30 -10.88
N PHE A 198 -17.88 15.73 -10.05
CA PHE A 198 -16.51 15.18 -10.12
C PHE A 198 -16.49 13.70 -9.87
N GLU A 199 -17.43 13.22 -9.06
CA GLU A 199 -17.55 11.78 -8.82
C GLU A 199 -17.85 11.06 -10.13
N LEU A 200 -18.62 11.69 -10.99
CA LEU A 200 -18.90 11.07 -12.28
C LEU A 200 -17.70 11.19 -13.27
N PHE A 201 -17.15 12.40 -13.38
CA PHE A 201 -16.23 12.67 -14.50
C PHE A 201 -14.85 13.16 -14.08
N SER A 202 -14.36 12.63 -12.97
CA SER A 202 -13.08 13.08 -12.47
C SER A 202 -11.97 13.01 -13.55
N GLY A 203 -12.02 11.95 -14.34
CA GLY A 203 -11.03 11.71 -15.41
C GLY A 203 -10.95 12.88 -16.41
N PHE A 204 -12.08 13.52 -16.67
CA PHE A 204 -12.10 14.65 -17.57
C PHE A 204 -11.92 15.99 -16.84
N LEU A 205 -12.58 16.17 -15.70
CA LEU A 205 -12.60 17.47 -15.07
C LEU A 205 -11.27 17.77 -14.36
N LYS A 206 -10.49 16.75 -14.10
CA LYS A 206 -9.27 17.01 -13.38
C LYS A 206 -8.23 17.88 -14.17
N HIS A 207 -8.37 17.98 -15.49
CA HIS A 207 -7.44 18.78 -16.32
C HIS A 207 -7.78 20.26 -16.24
N PHE A 208 -8.88 20.60 -15.56
CA PHE A 208 -9.36 21.95 -15.56
C PHE A 208 -9.37 22.52 -14.14
N PRO A 209 -9.27 23.86 -14.05
CA PRO A 209 -9.51 24.48 -12.73
C PRO A 209 -10.84 24.01 -12.06
N GLY A 210 -10.84 23.92 -10.74
CA GLY A 210 -12.10 23.64 -10.01
C GLY A 210 -11.83 23.32 -8.54
N ALA A 211 -12.91 23.06 -7.82
CA ALA A 211 -12.85 22.79 -6.38
C ALA A 211 -11.96 21.59 -6.00
N HIS A 212 -11.81 20.60 -6.87
CA HIS A 212 -10.87 19.54 -6.57
C HIS A 212 -9.46 20.06 -6.24
N ARG A 213 -9.08 21.20 -6.79
CA ARG A 213 -7.68 21.69 -6.63
C ARG A 213 -7.57 22.41 -5.32
N GLN A 214 -8.67 23.07 -4.97
CA GLN A 214 -8.75 23.74 -3.71
C GLN A 214 -8.77 22.68 -2.58
N VAL A 215 -9.53 21.58 -2.77
CA VAL A 215 -9.57 20.49 -1.77
C VAL A 215 -8.18 19.89 -1.58
N TYR A 216 -7.50 19.66 -2.68
CA TYR A 216 -6.19 19.03 -2.64
C TYR A 216 -5.21 19.97 -1.90
N LYS A 217 -5.22 21.25 -2.30
CA LYS A 217 -4.37 22.25 -1.64
C LYS A 217 -4.67 22.39 -0.10
N ASN A 218 -5.96 22.47 0.29
CA ASN A 218 -6.32 22.42 1.74
C ASN A 218 -5.75 21.21 2.51
N LEU A 219 -5.83 20.05 1.89
CA LEU A 219 -5.45 18.84 2.58
C LEU A 219 -3.92 18.87 2.71
N GLN A 220 -3.23 19.45 1.71
CA GLN A 220 -1.72 19.53 1.80
C GLN A 220 -1.28 20.49 2.92
N GLU A 221 -2.02 21.56 3.08
CA GLU A 221 -1.78 22.52 4.16
C GLU A 221 -2.03 21.88 5.54
N ILE A 222 -3.14 21.16 5.75
CA ILE A 222 -3.28 20.38 7.00
C ILE A 222 -2.12 19.35 7.16
N ASN A 223 -1.77 18.68 6.07
CA ASN A 223 -0.70 17.69 6.08
C ASN A 223 0.67 18.29 6.52
N ALA A 224 0.97 19.51 6.06
CA ALA A 224 2.21 20.21 6.46
C ALA A 224 2.23 20.42 7.98
N TYR A 225 1.10 20.83 8.58
CA TYR A 225 1.07 20.90 10.06
C TYR A 225 1.42 19.53 10.74
N ILE A 226 0.79 18.46 10.28
CA ILE A 226 0.98 17.16 10.87
C ILE A 226 2.42 16.70 10.74
N GLY A 227 3.02 16.97 9.58
CA GLY A 227 4.36 16.51 9.23
C GLY A 227 5.34 17.13 10.22
N HIS A 228 5.18 18.44 10.43
CA HIS A 228 5.93 19.19 11.46
C HIS A 228 5.69 18.71 12.90
N SER A 229 4.45 18.38 13.27
CA SER A 229 4.21 17.81 14.60
C SER A 229 4.90 16.46 14.77
N VAL A 230 4.84 15.63 13.74
CA VAL A 230 5.45 14.33 13.76
C VAL A 230 6.98 14.47 14.01
N GLU A 231 7.60 15.39 13.27
CA GLU A 231 9.06 15.59 13.35
C GLU A 231 9.45 16.02 14.78
N LYS A 232 8.63 16.89 15.37
CA LYS A 232 8.89 17.37 16.71
C LYS A 232 8.54 16.37 17.84
N HIS A 233 7.66 15.41 17.53
CA HIS A 233 7.45 14.27 18.40
C HIS A 233 8.66 13.37 18.31
N ARG A 234 9.19 13.18 17.09
CA ARG A 234 10.34 12.29 16.89
C ARG A 234 11.55 12.79 17.70
N GLU A 235 11.81 14.11 17.62
CA GLU A 235 12.95 14.72 18.32
C GLU A 235 12.90 14.52 19.82
N THR A 236 11.70 14.51 20.40
CA THR A 236 11.52 14.47 21.85
C THR A 236 10.99 13.12 22.37
N LEU A 237 10.98 12.12 21.50
CA LEU A 237 10.42 10.79 21.83
C LEU A 237 11.18 10.10 22.99
N ASP A 238 10.43 9.69 24.00
CA ASP A 238 10.95 8.84 25.09
C ASP A 238 10.40 7.43 24.90
N PRO A 239 11.24 6.48 24.44
CA PRO A 239 10.66 5.18 24.10
C PRO A 239 10.01 4.48 25.28
N SER A 240 10.35 4.88 26.52
CA SER A 240 9.72 4.28 27.71
C SER A 240 8.42 4.99 28.14
N ALA A 241 8.10 6.14 27.54
CA ALA A 241 6.86 6.80 27.93
C ALA A 241 6.18 7.55 26.75
N PRO A 242 5.50 6.79 25.84
CA PRO A 242 4.71 7.34 24.74
C PRO A 242 3.74 8.38 25.29
N ARG A 243 3.67 9.56 24.69
CA ARG A 243 2.75 10.61 25.18
C ARG A 243 1.36 10.35 24.59
N ASP A 244 1.33 9.94 23.32
CA ASP A 244 0.09 10.02 22.58
C ASP A 244 0.13 9.07 21.40
N LEU A 245 -0.86 9.17 20.49
CA LEU A 245 -0.95 8.20 19.39
C LEU A 245 0.23 8.34 18.38
N ILE A 246 0.72 9.57 18.19
CA ILE A 246 1.89 9.78 17.32
C ILE A 246 3.16 9.04 17.89
N ASP A 247 3.45 9.20 19.19
CA ASP A 247 4.58 8.46 19.79
C ASP A 247 4.39 6.96 19.66
N THR A 248 3.16 6.45 19.81
CA THR A 248 2.93 5.00 19.68
C THR A 248 3.19 4.53 18.25
N TYR A 249 2.86 5.34 17.27
CA TYR A 249 3.10 4.93 15.91
C TYR A 249 4.63 4.96 15.64
N LEU A 250 5.29 6.06 15.98
CA LEU A 250 6.75 6.13 15.87
C LEU A 250 7.44 4.86 16.43
N LEU A 251 6.93 4.33 17.53
CA LEU A 251 7.53 3.13 18.15
C LEU A 251 7.31 1.88 17.34
N HIS A 252 6.12 1.76 16.74
CA HIS A 252 5.88 0.65 15.82
C HIS A 252 6.78 0.78 14.60
N MET A 253 6.98 1.99 14.14
CA MET A 253 7.79 2.21 12.96
C MET A 253 9.21 1.73 13.25
N GLU A 254 9.77 2.19 14.37
CA GLU A 254 11.10 1.76 14.82
C GLU A 254 11.20 0.23 14.93
N LYS A 255 10.22 -0.36 15.61
CA LYS A 255 10.17 -1.78 15.80
C LYS A 255 10.07 -2.59 14.47
N GLU A 256 9.43 -2.07 13.42
CA GLU A 256 9.31 -2.86 12.18
C GLU A 256 10.27 -2.36 11.07
N LYS A 257 11.27 -1.53 11.39
CA LYS A 257 12.00 -0.84 10.32
C LYS A 257 12.80 -1.80 9.39
N SER A 258 13.12 -2.98 9.91
CA SER A 258 13.88 -3.94 9.18
C SER A 258 13.02 -4.63 8.13
N ASN A 259 11.70 -4.42 8.12
CA ASN A 259 10.81 -4.92 7.06
C ASN A 259 10.48 -3.77 6.08
N ALA A 260 11.03 -3.81 4.85
CA ALA A 260 10.74 -2.80 3.84
C ALA A 260 9.24 -2.68 3.49
N HIS A 261 8.46 -3.74 3.77
CA HIS A 261 7.03 -3.72 3.48
C HIS A 261 6.16 -3.37 4.75
N SER A 262 6.77 -2.76 5.76
CA SER A 262 6.04 -2.40 6.98
C SER A 262 4.98 -1.43 6.51
N GLU A 263 3.78 -1.51 7.03
CA GLU A 263 2.79 -0.49 6.72
C GLU A 263 2.93 0.75 7.62
N PHE A 264 3.87 0.73 8.61
CA PHE A 264 4.03 1.91 9.42
C PHE A 264 4.94 2.85 8.70
N SER A 265 4.48 3.34 7.55
CA SER A 265 5.32 4.19 6.74
C SER A 265 5.10 5.64 7.16
N HIS A 266 5.91 6.56 6.67
CA HIS A 266 5.70 8.00 6.95
C HIS A 266 4.41 8.52 6.28
N GLN A 267 4.10 8.01 5.10
CA GLN A 267 2.91 8.45 4.41
C GLN A 267 1.60 8.01 5.16
N ASN A 268 1.55 6.76 5.63
CA ASN A 268 0.46 6.34 6.48
C ASN A 268 0.37 7.13 7.81
N LEU A 269 1.54 7.50 8.38
CA LEU A 269 1.57 8.21 9.64
C LEU A 269 0.85 9.54 9.45
N ASN A 270 1.34 10.35 8.50
CA ASN A 270 0.67 11.62 8.13
C ASN A 270 -0.84 11.47 7.76
N LEU A 271 -1.13 10.49 6.92
CA LEU A 271 -2.44 10.42 6.29
C LEU A 271 -3.44 9.71 7.19
N ASN A 272 -2.97 8.75 8.02
CA ASN A 272 -3.83 8.14 8.99
C ASN A 272 -4.18 9.17 10.06
N THR A 273 -3.19 9.91 10.48
CA THR A 273 -3.35 10.93 11.46
C THR A 273 -4.39 11.99 10.99
N LEU A 274 -4.23 12.48 9.78
CA LEU A 274 -5.15 13.39 9.08
C LEU A 274 -6.58 12.82 9.00
N SER A 275 -6.63 11.58 8.58
CA SER A 275 -7.87 10.86 8.49
C SER A 275 -8.67 10.92 9.77
N LEU A 276 -8.02 10.66 10.88
CA LEU A 276 -8.60 10.65 12.20
C LEU A 276 -9.03 12.03 12.61
N PHE A 277 -8.24 13.01 12.25
CA PHE A 277 -8.57 14.39 12.48
C PHE A 277 -9.77 14.86 11.74
N PHE A 278 -9.78 14.58 10.43
CA PHE A 278 -10.91 14.97 9.59
C PHE A 278 -12.16 14.32 10.14
N ALA A 279 -12.23 13.00 10.05
CA ALA A 279 -13.37 12.26 10.62
C ALA A 279 -13.76 12.69 12.07
N GLY A 280 -12.79 12.90 12.96
CA GLY A 280 -13.10 13.21 14.34
C GLY A 280 -13.71 14.58 14.58
N THR A 281 -13.53 15.49 13.62
CA THR A 281 -13.89 16.89 13.75
C THR A 281 -15.18 17.20 12.98
N GLU A 282 -15.24 16.81 11.71
CA GLU A 282 -16.33 17.27 10.84
C GLU A 282 -17.67 16.51 11.01
N THR A 283 -17.59 15.28 11.52
CA THR A 283 -18.78 14.46 11.66
C THR A 283 -19.64 14.93 12.82
N THR A 284 -19.07 14.82 14.02
CA THR A 284 -19.73 15.19 15.25
C THR A 284 -20.13 16.65 15.27
N SER A 285 -19.25 17.54 14.80
CA SER A 285 -19.59 18.96 14.83
C SER A 285 -20.72 19.34 13.91
N THR A 286 -20.82 18.69 12.76
CA THR A 286 -21.86 18.89 11.82
C THR A 286 -23.21 18.38 12.41
N THR A 287 -23.18 17.21 13.02
CA THR A 287 -24.32 16.72 13.82
C THR A 287 -24.73 17.72 14.87
N LEU A 288 -23.79 18.27 15.64
CA LEU A 288 -24.09 19.31 16.63
C LEU A 288 -24.70 20.57 16.03
N ARG A 289 -24.16 21.03 14.90
CA ARG A 289 -24.71 22.20 14.28
C ARG A 289 -26.18 21.91 13.96
N TYR A 290 -26.47 20.74 13.32
CA TYR A 290 -27.88 20.43 12.97
C TYR A 290 -28.73 20.35 14.23
N GLY A 291 -28.19 19.69 15.27
CA GLY A 291 -28.95 19.45 16.48
C GLY A 291 -29.39 20.74 17.13
N PHE A 292 -28.50 21.76 17.14
CA PHE A 292 -28.92 23.07 17.75
C PHE A 292 -29.87 23.89 16.86
N LEU A 293 -29.70 23.77 15.55
CA LEU A 293 -30.75 24.29 14.62
C LEU A 293 -32.10 23.62 14.89
N LEU A 294 -32.14 22.29 15.04
CA LEU A 294 -33.38 21.64 15.37
C LEU A 294 -33.93 22.13 16.73
N MET A 295 -33.05 22.42 17.71
CA MET A 295 -33.55 22.91 19.01
C MET A 295 -34.21 24.27 18.90
N LEU A 296 -33.69 25.12 17.98
CA LEU A 296 -34.30 26.43 17.67
C LEU A 296 -35.64 26.25 16.98
N LYS A 297 -35.71 25.28 16.09
CA LYS A 297 -36.98 25.04 15.42
C LYS A 297 -38.05 24.38 16.33
N TYR A 298 -37.61 23.58 17.31
CA TYR A 298 -38.50 22.82 18.18
C TYR A 298 -38.17 23.07 19.64
N PRO A 299 -38.33 24.34 20.10
CA PRO A 299 -37.92 24.71 21.45
C PRO A 299 -38.65 23.87 22.50
N HIS A 300 -39.82 23.30 22.16
CA HIS A 300 -40.52 22.40 23.13
C HIS A 300 -39.75 21.12 23.38
N VAL A 301 -39.02 20.62 22.38
CA VAL A 301 -38.15 19.45 22.61
C VAL A 301 -36.97 19.85 23.55
N ALA A 302 -36.36 20.99 23.31
CA ALA A 302 -35.21 21.41 24.11
C ALA A 302 -35.66 21.58 25.56
N GLU A 303 -36.86 22.16 25.74
CA GLU A 303 -37.42 22.41 27.10
C GLU A 303 -37.71 21.06 27.83
N ARG A 304 -38.21 20.10 27.08
CA ARG A 304 -38.41 18.77 27.63
C ARG A 304 -37.09 18.16 27.97
N VAL A 305 -36.09 18.35 27.15
CA VAL A 305 -34.78 17.79 27.45
C VAL A 305 -34.19 18.42 28.74
N TYR A 306 -34.34 19.72 28.91
CA TYR A 306 -33.94 20.39 30.14
C TYR A 306 -34.65 19.86 31.40
N ARG A 307 -35.96 19.68 31.35
CA ARG A 307 -36.70 19.07 32.44
C ARG A 307 -36.11 17.77 32.86
N GLU A 308 -35.73 16.93 31.92
CA GLU A 308 -35.08 15.66 32.18
C GLU A 308 -33.70 15.81 32.78
N ILE A 309 -32.94 16.75 32.28
CA ILE A 309 -31.65 17.02 32.90
C ILE A 309 -31.86 17.45 34.39
N GLU A 310 -32.81 18.35 34.61
CA GLU A 310 -33.06 18.85 35.97
C GLU A 310 -33.36 17.73 36.89
N GLN A 311 -34.29 16.86 36.48
CA GLN A 311 -34.75 15.78 37.39
C GLN A 311 -33.69 14.73 37.60
N VAL A 312 -32.92 14.42 36.55
CA VAL A 312 -32.01 13.28 36.63
C VAL A 312 -30.62 13.75 37.08
N ILE A 313 -30.16 14.91 36.63
CA ILE A 313 -28.77 15.26 36.94
C ILE A 313 -28.74 16.41 37.97
N GLY A 314 -29.70 17.32 37.84
CA GLY A 314 -29.69 18.57 38.56
C GLY A 314 -28.98 19.67 37.79
N PRO A 315 -29.07 20.90 38.28
CA PRO A 315 -28.49 22.08 37.61
C PRO A 315 -26.96 22.20 37.67
N HIS A 316 -26.24 21.46 38.53
CA HIS A 316 -24.78 21.69 38.66
C HIS A 316 -23.83 20.47 38.47
N ARG A 317 -24.21 19.27 38.94
CA ARG A 317 -23.30 18.12 38.81
C ARG A 317 -23.10 17.89 37.29
N PRO A 318 -21.84 17.80 36.83
CA PRO A 318 -21.62 17.60 35.38
C PRO A 318 -22.24 16.31 34.88
N PRO A 319 -22.86 16.33 33.69
CA PRO A 319 -23.38 15.07 33.13
C PRO A 319 -22.22 14.04 32.92
N GLU A 320 -22.55 12.75 33.02
CA GLU A 320 -21.59 11.67 32.85
C GLU A 320 -22.27 10.59 32.02
N LEU A 321 -21.52 9.66 31.43
CA LEU A 321 -22.13 8.65 30.61
C LEU A 321 -23.08 7.75 31.40
N HIS A 322 -22.83 7.50 32.69
CA HIS A 322 -23.78 6.72 33.49
C HIS A 322 -25.19 7.33 33.49
N ASP A 323 -25.35 8.62 33.20
CA ASP A 323 -26.71 9.20 33.18
C ASP A 323 -27.59 8.74 32.05
N ARG A 324 -26.98 8.20 31.00
CA ARG A 324 -27.66 7.94 29.77
C ARG A 324 -28.89 7.08 29.95
N ALA A 325 -28.74 5.99 30.69
CA ALA A 325 -29.79 5.02 30.89
C ALA A 325 -30.94 5.60 31.68
N LYS A 326 -30.74 6.71 32.40
CA LYS A 326 -31.85 7.27 33.13
C LYS A 326 -32.43 8.42 32.33
N MET A 327 -31.93 8.66 31.12
CA MET A 327 -32.43 9.77 30.31
C MET A 327 -32.93 9.31 28.95
N PRO A 328 -34.05 8.56 28.93
CA PRO A 328 -34.51 8.04 27.65
C PRO A 328 -34.95 9.16 26.70
N TYR A 329 -35.48 10.25 27.24
CA TYR A 329 -35.96 11.27 26.33
C TYR A 329 -34.78 11.96 25.61
N THR A 330 -33.71 12.22 26.35
CA THR A 330 -32.59 13.00 25.82
C THR A 330 -31.92 12.08 24.77
N GLU A 331 -31.84 10.80 25.09
CA GLU A 331 -31.31 9.84 24.16
C GLU A 331 -32.15 9.76 22.88
N ALA A 332 -33.48 9.77 23.00
CA ALA A 332 -34.36 9.76 21.81
C ALA A 332 -34.10 10.94 20.93
N VAL A 333 -33.99 12.11 21.54
CA VAL A 333 -33.67 13.35 20.87
C VAL A 333 -32.32 13.28 20.13
N ILE A 334 -31.29 12.83 20.80
CA ILE A 334 -29.98 12.66 20.12
C ILE A 334 -30.04 11.66 18.98
N TYR A 335 -30.68 10.50 19.17
CA TYR A 335 -30.86 9.57 18.02
C TYR A 335 -31.62 10.20 16.86
N GLU A 336 -32.70 10.89 17.19
CA GLU A 336 -33.46 11.55 16.20
C GLU A 336 -32.64 12.67 15.49
N ILE A 337 -31.85 13.44 16.24
CA ILE A 337 -30.94 14.40 15.59
C ILE A 337 -30.07 13.66 14.56
N GLN A 338 -29.53 12.52 14.93
CA GLN A 338 -28.65 11.75 13.98
C GLN A 338 -29.40 11.15 12.80
N ARG A 339 -30.57 10.59 13.11
CA ARG A 339 -31.45 10.10 12.08
C ARG A 339 -31.84 11.20 11.05
N PHE A 340 -32.38 12.31 11.57
CA PHE A 340 -32.82 13.36 10.73
C PHE A 340 -31.64 14.00 9.98
N SER A 341 -30.50 14.19 10.63
CA SER A 341 -29.41 14.98 10.04
C SER A 341 -28.68 14.16 8.99
N ASP A 342 -28.75 12.80 9.06
CA ASP A 342 -28.38 11.91 7.93
C ASP A 342 -26.98 12.35 7.39
N LEU A 343 -25.99 12.33 8.27
CA LEU A 343 -24.69 12.98 7.99
C LEU A 343 -24.08 12.51 6.66
N LEU A 344 -24.01 11.20 6.48
CA LEU A 344 -23.41 10.66 5.24
C LEU A 344 -24.52 9.84 4.53
N PRO A 345 -25.33 10.47 3.70
CA PRO A 345 -26.54 9.76 3.19
C PRO A 345 -26.26 8.56 2.31
N MET A 346 -25.09 8.54 1.64
CA MET A 346 -24.69 7.38 0.83
C MET A 346 -23.53 6.67 1.47
N GLY A 347 -23.32 6.87 2.79
CA GLY A 347 -22.16 6.24 3.50
C GLY A 347 -20.83 6.65 2.88
N VAL A 348 -19.86 5.78 2.97
CA VAL A 348 -18.61 6.01 2.31
C VAL A 348 -18.49 4.83 1.30
N PRO A 349 -17.97 5.08 0.09
CA PRO A 349 -18.05 3.97 -0.90
C PRO A 349 -17.32 2.69 -0.50
N HIS A 350 -17.95 1.54 -0.77
CA HIS A 350 -17.31 0.23 -0.59
C HIS A 350 -16.88 -0.31 -1.97
N ILE A 351 -16.21 -1.44 -2.02
CA ILE A 351 -15.90 -2.03 -3.28
C ILE A 351 -16.00 -3.52 -2.99
N VAL A 352 -16.45 -4.35 -3.93
CA VAL A 352 -16.45 -5.77 -3.63
C VAL A 352 -15.06 -6.39 -3.91
N THR A 353 -14.67 -7.29 -3.02
CA THR A 353 -13.25 -7.74 -2.96
C THR A 353 -13.05 -9.11 -3.58
N GLN A 354 -14.15 -9.71 -4.01
CA GLN A 354 -14.16 -10.99 -4.75
C GLN A 354 -15.50 -11.17 -5.45
N HIS A 355 -15.48 -11.90 -6.57
CA HIS A 355 -16.71 -12.21 -7.34
C HIS A 355 -17.80 -12.64 -6.34
N THR A 356 -18.99 -12.06 -6.40
CA THR A 356 -20.01 -12.41 -5.44
C THR A 356 -21.44 -12.50 -6.06
N SER A 357 -22.28 -13.30 -5.42
CA SER A 357 -23.68 -13.40 -5.81
C SER A 357 -24.59 -12.73 -4.76
N PHE A 358 -25.43 -11.81 -5.23
CA PHE A 358 -26.29 -11.00 -4.34
C PHE A 358 -27.75 -10.91 -4.86
N ARG A 359 -28.68 -11.57 -4.15
CA ARG A 359 -30.09 -11.69 -4.60
C ARG A 359 -30.18 -12.05 -6.10
N GLY A 360 -29.41 -13.03 -6.50
CA GLY A 360 -29.47 -13.51 -7.86
C GLY A 360 -28.51 -12.80 -8.78
N TYR A 361 -28.09 -11.57 -8.43
CA TYR A 361 -27.24 -10.81 -9.36
C TYR A 361 -25.81 -11.27 -9.18
N ILE A 362 -24.96 -11.03 -10.14
CA ILE A 362 -23.60 -11.44 -9.98
C ILE A 362 -22.86 -10.15 -10.06
N ILE A 363 -22.06 -9.89 -9.03
CA ILE A 363 -21.37 -8.60 -8.91
C ILE A 363 -19.90 -8.94 -8.95
N PRO A 364 -19.21 -8.47 -10.00
CA PRO A 364 -17.82 -8.83 -10.17
C PRO A 364 -16.92 -8.08 -9.15
N LYS A 365 -15.83 -8.77 -8.78
CA LYS A 365 -14.73 -8.20 -8.05
C LYS A 365 -14.38 -6.83 -8.57
N ASP A 366 -14.06 -5.93 -7.63
CA ASP A 366 -13.78 -4.54 -7.93
C ASP A 366 -14.96 -3.66 -8.25
N THR A 367 -16.17 -4.17 -8.23
CA THR A 367 -17.31 -3.30 -8.48
C THR A 367 -17.52 -2.41 -7.28
N GLU A 368 -17.63 -1.12 -7.53
CA GLU A 368 -17.95 -0.21 -6.48
C GLU A 368 -19.40 -0.33 -5.99
N VAL A 369 -19.63 -0.13 -4.69
CA VAL A 369 -20.95 -0.28 -4.09
C VAL A 369 -21.21 0.91 -3.13
N PHE A 370 -22.30 1.69 -3.35
CA PHE A 370 -22.78 2.61 -2.29
C PHE A 370 -23.88 1.94 -1.42
N LEU A 371 -23.70 1.95 -0.11
CA LEU A 371 -24.80 1.66 0.81
C LEU A 371 -25.55 2.90 1.08
N ILE A 372 -26.81 2.99 0.66
CA ILE A 372 -27.55 4.25 0.86
C ILE A 372 -28.18 4.23 2.30
N LEU A 373 -27.34 4.53 3.26
CA LEU A 373 -27.74 4.63 4.65
C LEU A 373 -28.99 5.51 4.83
N SER A 374 -29.11 6.57 4.04
CA SER A 374 -30.22 7.47 4.17
C SER A 374 -31.54 6.70 4.03
N THR A 375 -31.57 5.67 3.16
CA THR A 375 -32.85 4.87 2.99
C THR A 375 -33.18 4.06 4.22
N ALA A 376 -32.21 3.68 5.01
CA ALA A 376 -32.53 2.97 6.22
C ALA A 376 -33.10 3.98 7.27
N LEU A 377 -32.41 5.12 7.38
CA LEU A 377 -32.77 6.13 8.35
C LEU A 377 -34.12 6.80 8.04
N HIS A 378 -34.57 6.72 6.79
CA HIS A 378 -35.89 7.26 6.43
C HIS A 378 -36.88 6.18 6.03
N ASP A 379 -36.66 4.95 6.47
CA ASP A 379 -37.55 3.87 6.07
C ASP A 379 -38.89 4.06 6.83
N PRO A 380 -39.99 4.35 6.09
CA PRO A 380 -41.28 4.61 6.71
C PRO A 380 -41.84 3.44 7.53
N HIS A 381 -41.34 2.24 7.35
CA HIS A 381 -41.81 1.08 8.17
C HIS A 381 -41.23 1.17 9.57
N TYR A 382 -40.06 1.82 9.72
CA TYR A 382 -39.47 1.96 11.09
C TYR A 382 -39.77 3.34 11.70
N PHE A 383 -39.93 4.33 10.82
CA PHE A 383 -40.14 5.71 11.27
C PHE A 383 -41.31 6.30 10.53
N GLU A 384 -42.45 6.39 11.22
CA GLU A 384 -43.65 6.93 10.60
C GLU A 384 -43.41 8.40 10.28
N LYS A 385 -43.77 8.88 9.08
CA LYS A 385 -43.41 10.23 8.65
C LYS A 385 -41.91 10.55 8.79
N PRO A 386 -41.07 9.80 8.05
CA PRO A 386 -39.62 9.84 8.35
C PRO A 386 -38.99 11.18 7.95
N ASP A 387 -39.70 12.03 7.20
CA ASP A 387 -39.10 13.30 6.76
C ASP A 387 -39.25 14.40 7.80
N ALA A 388 -40.02 14.14 8.86
CA ALA A 388 -40.14 15.09 9.96
C ALA A 388 -39.25 14.76 11.18
N PHE A 389 -38.85 15.82 11.90
CA PHE A 389 -38.03 15.64 13.08
C PHE A 389 -38.99 15.33 14.21
N ASN A 390 -38.77 14.20 14.88
CA ASN A 390 -39.69 13.81 15.96
C ASN A 390 -39.09 12.80 16.84
N PRO A 391 -38.65 13.20 18.05
CA PRO A 391 -37.96 12.26 18.92
C PRO A 391 -38.82 11.03 19.25
N ASP A 392 -40.13 11.11 19.05
CA ASP A 392 -41.04 9.96 19.27
C ASP A 392 -40.72 8.78 18.36
N HIS A 393 -40.04 9.07 17.24
CA HIS A 393 -39.48 7.97 16.43
C HIS A 393 -38.67 7.07 17.27
N PHE A 394 -38.16 7.54 18.41
CA PHE A 394 -37.34 6.64 19.25
C PHE A 394 -37.88 6.31 20.64
N LEU A 395 -39.16 6.55 20.83
CA LEU A 395 -39.81 6.29 22.14
C LEU A 395 -40.92 5.23 21.98
N ASP A 396 -41.06 4.32 22.96
CA ASP A 396 -42.31 3.53 23.02
C ASP A 396 -43.48 4.26 23.64
N ALA A 397 -44.53 3.47 23.84
CA ALA A 397 -45.77 3.88 24.53
C ALA A 397 -45.54 4.56 25.91
N ASN A 398 -44.70 3.93 26.75
CA ASN A 398 -44.29 4.47 28.10
C ASN A 398 -43.30 5.67 28.15
N GLY A 399 -42.92 6.24 27.01
CA GLY A 399 -41.78 7.15 26.99
C GLY A 399 -40.44 6.46 27.21
N ALA A 400 -40.37 5.15 27.06
CA ALA A 400 -39.06 4.44 27.18
C ALA A 400 -38.33 4.34 25.83
N LEU A 401 -37.00 4.28 25.88
CA LEU A 401 -36.20 4.30 24.67
C LEU A 401 -36.51 3.09 23.79
N LYS A 402 -36.94 3.35 22.55
CA LYS A 402 -37.08 2.23 21.57
C LYS A 402 -35.99 2.28 20.49
N LYS A 403 -34.91 1.53 20.66
CA LYS A 403 -33.91 1.43 19.59
C LYS A 403 -34.48 0.60 18.44
N THR A 404 -33.83 0.61 17.29
CA THR A 404 -34.33 -0.11 16.14
C THR A 404 -33.18 -0.48 15.21
N GLU A 405 -33.31 -1.58 14.49
CA GLU A 405 -32.19 -2.01 13.65
C GLU A 405 -32.01 -1.08 12.41
N ALA A 406 -32.99 -0.22 12.10
CA ALA A 406 -32.86 0.65 10.95
C ALA A 406 -31.95 1.82 11.28
N PHE A 407 -31.58 1.99 12.56
CA PHE A 407 -30.79 3.17 12.94
C PHE A 407 -29.32 2.83 12.70
N ILE A 408 -28.85 3.03 11.45
CA ILE A 408 -27.45 2.65 11.12
C ILE A 408 -26.59 3.85 10.65
N PRO A 409 -26.62 4.97 11.36
CA PRO A 409 -25.86 6.13 10.80
C PRO A 409 -24.29 5.96 10.80
N PHE A 410 -23.80 4.95 11.46
CA PHE A 410 -22.37 4.61 11.57
C PHE A 410 -22.04 3.42 10.62
N SER A 411 -23.02 3.01 9.80
CA SER A 411 -22.89 1.82 8.93
C SER A 411 -22.84 0.56 9.76
N LEU A 412 -22.35 -0.52 9.16
CA LEU A 412 -22.30 -1.84 9.75
C LEU A 412 -21.06 -2.57 9.26
N GLY A 413 -20.69 -3.65 9.92
CA GLY A 413 -19.71 -4.57 9.44
C GLY A 413 -18.27 -4.23 9.67
N LYS A 414 -17.42 -4.71 8.80
CA LYS A 414 -15.98 -4.58 8.95
C LYS A 414 -15.49 -3.14 8.94
N ARG A 415 -16.15 -2.27 8.19
CA ARG A 415 -15.73 -0.87 8.05
C ARG A 415 -16.61 0.12 8.84
N ILE A 416 -17.34 -0.39 9.81
CA ILE A 416 -18.18 0.41 10.67
C ILE A 416 -17.37 1.49 11.36
N CYS A 417 -17.96 2.67 11.51
CA CYS A 417 -17.26 3.84 12.01
C CYS A 417 -16.40 3.44 13.19
N LEU A 418 -15.08 3.69 13.17
CA LEU A 418 -14.31 3.29 14.37
C LEU A 418 -14.39 4.30 15.50
N GLY A 419 -14.92 5.50 15.20
CA GLY A 419 -15.15 6.60 16.13
C GLY A 419 -16.55 6.56 16.80
N GLU A 420 -17.28 5.47 16.63
CA GLU A 420 -18.67 5.42 17.08
C GLU A 420 -18.81 5.69 18.58
N GLY A 421 -18.02 4.99 19.39
CA GLY A 421 -18.10 5.09 20.85
C GLY A 421 -17.73 6.51 21.24
N ILE A 422 -16.68 7.04 20.63
CA ILE A 422 -16.38 8.44 20.85
C ILE A 422 -17.49 9.45 20.46
N ALA A 423 -18.01 9.31 19.25
CA ALA A 423 -19.02 10.22 18.74
C ALA A 423 -20.23 10.21 19.69
N ARG A 424 -20.65 9.03 20.16
CA ARG A 424 -21.88 8.91 20.98
C ARG A 424 -21.66 9.57 22.31
N ALA A 425 -20.45 9.40 22.85
CA ALA A 425 -20.10 10.05 24.10
C ALA A 425 -20.07 11.56 23.93
N GLU A 426 -19.44 12.02 22.85
CA GLU A 426 -19.39 13.43 22.53
C GLU A 426 -20.77 14.03 22.30
N LEU A 427 -21.68 13.31 21.65
CA LEU A 427 -23.03 13.89 21.40
C LEU A 427 -23.78 14.05 22.72
N PHE A 428 -23.78 13.01 23.52
CA PHE A 428 -24.54 13.04 24.75
C PHE A 428 -23.97 14.05 25.73
N LEU A 429 -22.64 13.98 25.96
CA LEU A 429 -22.06 14.86 26.97
C LEU A 429 -22.12 16.33 26.55
N PHE A 430 -21.83 16.65 25.27
CA PHE A 430 -21.83 18.06 24.89
C PHE A 430 -23.26 18.56 24.87
N PHE A 431 -24.17 17.76 24.26
CA PHE A 431 -25.57 18.18 24.19
C PHE A 431 -26.11 18.46 25.58
N THR A 432 -25.97 17.51 26.49
CA THR A 432 -26.62 17.65 27.80
C THR A 432 -25.88 18.71 28.64
N THR A 433 -24.54 18.78 28.52
CA THR A 433 -23.82 19.75 29.35
C THR A 433 -24.20 21.17 28.90
N ILE A 434 -24.30 21.40 27.59
CA ILE A 434 -24.77 22.72 27.14
C ILE A 434 -26.21 23.01 27.61
N LEU A 435 -27.14 22.06 27.41
CA LEU A 435 -28.53 22.35 27.85
C LEU A 435 -28.67 22.47 29.37
N GLN A 436 -27.85 21.77 30.11
CA GLN A 436 -27.88 21.98 31.56
C GLN A 436 -27.62 23.46 31.91
N ASN A 437 -26.80 24.16 31.12
CA ASN A 437 -26.38 25.53 31.46
C ASN A 437 -27.04 26.68 30.71
N PHE A 438 -27.69 26.38 29.58
CA PHE A 438 -28.17 27.42 28.70
C PHE A 438 -29.44 27.00 28.04
N SER A 439 -30.35 27.91 27.84
CA SER A 439 -31.35 27.75 26.80
C SER A 439 -30.87 28.48 25.57
N MET A 440 -31.61 28.41 24.48
CA MET A 440 -31.15 28.97 23.21
C MET A 440 -32.14 29.94 22.64
N ALA A 441 -31.65 31.00 22.00
CA ALA A 441 -32.54 31.85 21.30
C ALA A 441 -31.91 32.26 20.01
N SER A 442 -32.74 32.81 19.10
CA SER A 442 -32.24 33.29 17.84
C SER A 442 -33.19 34.33 17.25
N PRO A 443 -32.73 35.17 16.30
CA PRO A 443 -33.68 36.18 15.74
C PRO A 443 -34.78 35.59 14.86
N VAL A 444 -34.71 34.29 14.57
CA VAL A 444 -35.61 33.69 13.57
C VAL A 444 -36.69 32.88 14.32
N ALA A 445 -37.96 33.12 14.02
CA ALA A 445 -39.02 32.44 14.75
C ALA A 445 -39.04 30.92 14.33
N PRO A 446 -39.38 30.04 15.27
CA PRO A 446 -39.40 28.62 14.91
C PRO A 446 -40.04 28.32 13.56
N GLU A 447 -41.23 28.87 13.30
CA GLU A 447 -41.95 28.60 12.04
C GLU A 447 -41.09 28.98 10.82
N ASP A 448 -40.18 29.95 10.95
CA ASP A 448 -39.44 30.39 9.78
C ASP A 448 -38.07 29.72 9.65
N ILE A 449 -37.69 28.91 10.63
CA ILE A 449 -36.39 28.24 10.52
C ILE A 449 -36.42 27.23 9.37
N ASP A 450 -35.52 27.43 8.42
CA ASP A 450 -35.49 26.51 7.27
C ASP A 450 -34.42 25.43 7.51
N LEU A 451 -34.81 24.17 7.46
CA LEU A 451 -33.88 23.10 7.77
C LEU A 451 -33.15 22.56 6.51
N THR A 452 -33.48 23.12 5.34
CA THR A 452 -32.94 22.65 4.04
C THR A 452 -31.41 22.67 4.11
N PRO A 453 -30.73 21.54 3.84
CA PRO A 453 -29.26 21.58 3.93
C PRO A 453 -28.63 22.58 2.95
N GLN A 454 -27.53 23.21 3.35
CA GLN A 454 -26.74 24.03 2.45
C GLN A 454 -26.02 23.12 1.42
N GLU A 455 -25.53 21.95 1.81
CA GLU A 455 -25.04 21.00 0.80
C GLU A 455 -25.59 19.65 1.10
N CYS A 456 -25.80 18.85 0.05
CA CYS A 456 -26.17 17.47 0.19
C CYS A 456 -25.49 16.62 -0.90
N GLY A 457 -24.32 16.07 -0.55
CA GLY A 457 -23.50 15.23 -1.43
C GLY A 457 -23.02 14.12 -0.53
N VAL A 458 -21.70 13.86 -0.51
CA VAL A 458 -21.12 12.87 0.42
C VAL A 458 -21.58 13.19 1.85
N GLY A 459 -21.60 14.50 2.17
CA GLY A 459 -21.94 14.96 3.49
C GLY A 459 -23.25 15.70 3.37
N LYS A 460 -24.12 15.63 4.38
CA LYS A 460 -25.25 16.57 4.41
C LYS A 460 -24.85 17.68 5.35
N ILE A 461 -24.90 18.93 4.90
CA ILE A 461 -24.39 20.07 5.68
C ILE A 461 -25.49 21.10 5.93
N PRO A 462 -25.77 21.41 7.21
CA PRO A 462 -26.85 22.35 7.49
C PRO A 462 -26.53 23.79 7.08
N PRO A 463 -27.54 24.60 6.90
CA PRO A 463 -27.33 26.00 6.60
C PRO A 463 -26.62 26.72 7.75
N THR A 464 -25.99 27.86 7.50
CA THR A 464 -25.39 28.62 8.61
C THR A 464 -26.55 29.29 9.35
N TYR A 465 -26.34 29.62 10.61
CA TYR A 465 -27.38 30.32 11.38
C TYR A 465 -26.75 31.00 12.59
N GLN A 466 -27.47 31.92 13.18
CA GLN A 466 -27.02 32.62 14.39
C GLN A 466 -27.83 32.05 15.53
N ILE A 467 -27.22 32.02 16.69
CA ILE A 467 -27.87 31.54 17.87
C ILE A 467 -27.19 32.27 19.08
N ARG A 468 -27.93 32.39 20.19
CA ARG A 468 -27.43 32.88 21.47
C ARG A 468 -27.65 31.76 22.43
N PHE A 469 -26.71 31.66 23.35
CA PHE A 469 -26.89 30.81 24.50
C PHE A 469 -27.15 31.59 25.75
N LEU A 470 -28.36 31.50 26.30
CA LEU A 470 -28.76 32.29 27.50
C LEU A 470 -28.60 31.48 28.74
N PRO A 471 -27.76 31.95 29.68
CA PRO A 471 -27.54 31.20 30.93
C PRO A 471 -28.84 31.01 31.75
N ARG A 472 -28.98 29.86 32.39
CA ARG A 472 -30.20 29.62 33.17
C ARG A 472 -30.12 30.37 34.52
N HIS A 473 -31.21 31.02 34.93
CA HIS A 473 -31.23 32.01 36.03
C HIS A 473 -29.97 32.89 36.05
N GLY B 9 43.16 -38.17 -11.22
CA GLY B 9 42.29 -38.75 -10.21
C GLY B 9 42.36 -38.12 -8.84
N LYS B 10 41.96 -36.86 -8.71
CA LYS B 10 41.71 -36.22 -7.44
C LYS B 10 40.80 -34.98 -7.56
N LEU B 11 39.77 -34.88 -6.73
CA LEU B 11 38.97 -33.67 -6.62
C LEU B 11 39.92 -32.53 -6.20
N PRO B 12 39.54 -31.30 -6.47
CA PRO B 12 40.29 -30.15 -6.01
C PRO B 12 40.60 -30.22 -4.54
N PRO B 13 41.62 -29.52 -4.08
CA PRO B 13 42.01 -29.50 -2.68
C PRO B 13 41.05 -28.75 -1.77
N GLY B 14 41.06 -28.99 -0.46
CA GLY B 14 40.41 -28.06 0.43
C GLY B 14 40.37 -28.54 1.86
N PRO B 15 39.68 -27.83 2.74
CA PRO B 15 39.75 -28.22 4.18
C PRO B 15 39.26 -29.68 4.45
N ARG B 16 39.87 -30.34 5.42
CA ARG B 16 39.61 -31.78 5.69
C ARG B 16 38.25 -31.89 6.37
N PRO B 17 37.31 -32.63 5.79
CA PRO B 17 35.97 -32.67 6.41
C PRO B 17 35.87 -33.67 7.58
N LEU B 18 34.82 -33.56 8.42
CA LEU B 18 34.39 -34.69 9.28
C LEU B 18 33.22 -35.47 8.66
N PRO B 19 33.08 -36.76 9.04
CA PRO B 19 31.81 -37.37 8.66
C PRO B 19 30.67 -36.61 9.36
N LEU B 20 29.51 -36.56 8.71
CA LEU B 20 28.32 -35.83 9.17
C LEU B 20 28.36 -34.32 9.04
N LEU B 21 29.36 -33.72 9.62
CA LEU B 21 29.44 -32.28 9.63
C LEU B 21 30.07 -31.64 8.38
N GLY B 22 30.71 -32.44 7.53
CA GLY B 22 31.50 -31.92 6.43
C GLY B 22 32.53 -30.92 6.98
N ASN B 23 32.64 -29.74 6.35
CA ASN B 23 33.55 -28.70 6.82
C ASN B 23 32.89 -27.69 7.78
N LEU B 24 31.75 -28.07 8.38
CA LEU B 24 31.05 -27.12 9.29
C LEU B 24 32.02 -26.37 10.15
N LEU B 25 32.86 -27.13 10.86
CA LEU B 25 33.67 -26.54 11.93
C LEU B 25 34.79 -25.64 11.45
N GLN B 26 35.11 -25.67 10.15
CA GLN B 26 36.07 -24.70 9.57
C GLN B 26 35.40 -23.47 8.92
N MET B 27 34.06 -23.41 9.03
CA MET B 27 33.28 -22.34 8.40
C MET B 27 33.39 -21.07 9.24
N ASP B 28 32.96 -19.96 8.64
CA ASP B 28 33.00 -18.67 9.28
C ASP B 28 31.54 -18.34 9.60
N ARG B 29 31.31 -17.86 10.83
CA ARG B 29 29.98 -17.54 11.33
C ARG B 29 29.29 -16.57 10.38
N ARG B 30 30.05 -15.75 9.70
CA ARG B 30 29.45 -14.68 8.91
C ARG B 30 28.85 -15.09 7.58
N GLY B 31 28.86 -16.39 7.26
CA GLY B 31 28.20 -16.92 6.05
C GLY B 31 29.06 -17.72 5.12
N LEU B 32 28.41 -18.29 4.12
CA LEU B 32 29.04 -19.06 3.08
C LEU B 32 30.13 -18.28 2.33
N LEU B 33 29.77 -17.10 1.84
CA LEU B 33 30.71 -16.38 1.02
C LEU B 33 32.03 -16.11 1.83
N LYS B 34 31.91 -15.61 3.04
CA LYS B 34 33.10 -15.40 3.86
C LYS B 34 33.89 -16.66 4.09
N SER B 35 33.17 -17.76 4.34
CA SER B 35 33.82 -19.03 4.58
C SER B 35 34.60 -19.36 3.36
N PHE B 36 33.95 -19.23 2.20
CA PHE B 36 34.65 -19.54 0.98
C PHE B 36 35.86 -18.61 0.61
N LEU B 37 35.78 -17.32 0.88
CA LEU B 37 36.92 -16.42 0.66
C LEU B 37 38.12 -16.83 1.51
N ARG B 38 37.86 -17.28 2.73
CA ARG B 38 38.93 -17.79 3.55
C ARG B 38 39.62 -19.02 2.97
N PHE B 39 38.85 -19.99 2.49
CA PHE B 39 39.45 -21.16 1.87
C PHE B 39 40.23 -20.75 0.64
N ARG B 40 39.73 -19.77 -0.06
CA ARG B 40 40.38 -19.36 -1.27
C ARG B 40 41.79 -18.83 -0.92
N GLU B 41 41.94 -18.15 0.21
CA GLU B 41 43.25 -17.60 0.69
C GLU B 41 44.24 -18.75 0.77
N LYS B 42 43.82 -19.77 1.53
CA LYS B 42 44.59 -20.99 1.70
C LYS B 42 44.77 -21.91 0.48
N TYR B 43 43.71 -22.17 -0.28
CA TYR B 43 43.79 -23.22 -1.34
C TYR B 43 43.90 -22.71 -2.75
N GLY B 44 43.72 -21.40 -2.95
CA GLY B 44 43.71 -20.87 -4.32
C GLY B 44 42.31 -20.86 -4.98
N ASP B 45 42.29 -20.78 -6.29
CA ASP B 45 41.08 -20.46 -6.99
C ASP B 45 40.08 -21.64 -7.23
N VAL B 46 40.52 -22.88 -6.99
CA VAL B 46 39.75 -24.09 -7.29
C VAL B 46 39.88 -25.04 -6.11
N PHE B 47 38.84 -25.16 -5.29
CA PHE B 47 38.89 -25.99 -4.10
C PHE B 47 37.55 -26.69 -3.85
N THR B 48 37.55 -27.65 -2.93
CA THR B 48 36.38 -28.43 -2.60
C THR B 48 35.99 -28.09 -1.20
N VAL B 49 34.68 -27.84 -0.99
CA VAL B 49 34.14 -27.69 0.37
C VAL B 49 33.02 -28.70 0.58
N HIS B 50 32.95 -29.30 1.78
CA HIS B 50 31.91 -30.29 2.06
C HIS B 50 30.87 -29.56 2.85
N LEU B 51 29.73 -29.37 2.22
CA LEU B 51 28.62 -28.66 2.84
C LEU B 51 27.76 -29.79 3.38
N GLY B 52 27.86 -30.06 4.67
CA GLY B 52 27.27 -31.29 5.22
C GLY B 52 27.73 -32.51 4.42
N PRO B 53 26.80 -33.28 3.85
CA PRO B 53 27.11 -34.56 3.17
C PRO B 53 27.62 -34.46 1.73
N ARG B 54 27.70 -33.26 1.13
CA ARG B 54 28.04 -33.10 -0.33
C ARG B 54 29.32 -32.26 -0.58
N PRO B 55 30.21 -32.81 -1.37
CA PRO B 55 31.35 -32.06 -1.89
C PRO B 55 30.88 -31.02 -2.92
N VAL B 56 31.19 -29.74 -2.69
CA VAL B 56 30.89 -28.75 -3.72
C VAL B 56 32.20 -28.09 -4.20
N VAL B 57 32.39 -28.02 -5.52
CA VAL B 57 33.62 -27.40 -6.02
C VAL B 57 33.42 -25.88 -6.18
N MET B 58 34.35 -25.07 -5.65
CA MET B 58 34.19 -23.60 -5.74
C MET B 58 35.19 -23.18 -6.79
N LEU B 59 34.75 -22.39 -7.76
CA LEU B 59 35.62 -21.79 -8.76
C LEU B 59 35.64 -20.28 -8.58
N CYS B 60 36.83 -19.69 -8.37
CA CYS B 60 36.98 -18.24 -8.14
C CYS B 60 37.82 -17.54 -9.21
N GLY B 61 37.54 -16.25 -9.42
CA GLY B 61 38.30 -15.46 -10.37
C GLY B 61 37.67 -15.60 -11.73
N VAL B 62 37.72 -14.52 -12.49
CA VAL B 62 37.11 -14.60 -13.85
C VAL B 62 37.77 -15.65 -14.77
N GLU B 63 39.07 -15.89 -14.61
CA GLU B 63 39.73 -16.88 -15.49
C GLU B 63 39.17 -18.36 -15.31
N ALA B 64 39.08 -18.80 -14.05
CA ALA B 64 38.59 -20.14 -13.74
C ALA B 64 37.10 -20.25 -14.11
N ILE B 65 36.28 -19.25 -13.76
CA ILE B 65 34.85 -19.26 -14.09
C ILE B 65 34.60 -19.29 -15.61
N ARG B 66 35.30 -18.44 -16.34
CA ARG B 66 35.20 -18.44 -17.80
C ARG B 66 35.75 -19.76 -18.39
N GLU B 67 36.86 -20.26 -17.89
CA GLU B 67 37.33 -21.57 -18.36
C GLU B 67 36.23 -22.64 -18.21
N ALA B 68 35.55 -22.63 -17.07
CA ALA B 68 34.52 -23.64 -16.85
C ALA B 68 33.24 -23.44 -17.70
N LEU B 69 32.61 -22.25 -17.61
CA LEU B 69 31.28 -22.02 -18.24
C LEU B 69 31.36 -21.84 -19.76
N VAL B 70 32.47 -21.31 -20.25
CA VAL B 70 32.58 -21.05 -21.68
C VAL B 70 33.40 -22.14 -22.38
N ASP B 71 34.65 -22.35 -21.97
CA ASP B 71 35.51 -23.33 -22.61
C ASP B 71 35.18 -24.78 -22.30
N LYS B 72 34.65 -25.06 -21.11
CA LYS B 72 34.16 -26.39 -20.80
C LYS B 72 32.62 -26.46 -20.63
N ALA B 73 31.86 -25.75 -21.47
CA ALA B 73 30.40 -25.71 -21.35
C ALA B 73 29.75 -27.11 -21.49
N GLU B 74 30.39 -28.01 -22.22
CA GLU B 74 29.80 -29.33 -22.41
C GLU B 74 29.69 -30.02 -21.07
N ALA B 75 30.43 -29.53 -20.10
CA ALA B 75 30.45 -30.26 -18.84
C ALA B 75 29.91 -29.44 -17.66
N PHE B 76 30.12 -28.12 -17.69
CA PHE B 76 29.78 -27.23 -16.56
C PHE B 76 28.39 -26.53 -16.62
N SER B 77 27.55 -26.94 -17.60
CA SER B 77 26.26 -26.32 -17.89
C SER B 77 25.02 -26.81 -17.18
N GLY B 78 25.17 -27.75 -16.26
CA GLY B 78 24.02 -28.24 -15.49
C GLY B 78 23.67 -27.28 -14.36
N ARG B 79 22.49 -27.45 -13.77
CA ARG B 79 22.00 -26.56 -12.75
C ARG B 79 21.92 -27.40 -11.51
N GLY B 80 22.51 -26.93 -10.40
CA GLY B 80 22.36 -27.57 -9.07
C GLY B 80 21.12 -27.09 -8.31
N LYS B 81 21.07 -27.29 -7.00
CA LYS B 81 19.86 -26.94 -6.25
C LYS B 81 20.13 -25.85 -5.29
N ILE B 82 19.08 -25.07 -5.01
CA ILE B 82 19.11 -24.21 -3.87
C ILE B 82 18.21 -24.91 -2.85
N ALA B 83 18.82 -25.43 -1.78
CA ALA B 83 18.08 -26.25 -0.81
C ALA B 83 16.80 -25.61 -0.28
N MET B 84 16.84 -24.31 -0.03
CA MET B 84 15.62 -23.63 0.47
C MET B 84 14.42 -23.66 -0.49
N VAL B 85 14.66 -23.76 -1.80
CA VAL B 85 13.53 -23.70 -2.75
C VAL B 85 13.41 -24.97 -3.57
N ASP B 86 14.37 -25.89 -3.45
CA ASP B 86 14.26 -27.14 -4.23
C ASP B 86 12.96 -27.92 -3.90
N PRO B 87 12.49 -27.87 -2.63
CA PRO B 87 11.28 -28.69 -2.34
C PRO B 87 10.07 -28.15 -3.10
N PHE B 88 10.14 -26.89 -3.55
CA PHE B 88 9.04 -26.36 -4.29
C PHE B 88 9.28 -26.55 -5.78
N PHE B 89 10.46 -26.14 -6.27
CA PHE B 89 10.66 -26.18 -7.72
C PHE B 89 10.85 -27.57 -8.22
N ARG B 90 11.56 -28.40 -7.46
CA ARG B 90 11.80 -29.79 -7.87
C ARG B 90 12.18 -29.94 -9.35
N GLY B 91 13.08 -29.08 -9.82
CA GLY B 91 13.62 -29.16 -11.18
C GLY B 91 12.62 -28.79 -12.28
N TYR B 92 11.49 -28.19 -11.92
CA TYR B 92 10.53 -27.63 -12.95
C TYR B 92 10.82 -26.18 -13.20
N GLY B 93 10.53 -25.68 -14.40
CA GLY B 93 10.73 -24.24 -14.67
C GLY B 93 12.16 -24.08 -15.17
N VAL B 94 12.39 -23.07 -16.02
CA VAL B 94 13.68 -22.84 -16.68
C VAL B 94 14.88 -22.64 -15.75
N ILE B 95 14.68 -21.98 -14.59
CA ILE B 95 15.84 -21.75 -13.73
C ILE B 95 16.40 -23.08 -13.21
N PHE B 96 15.50 -23.93 -12.74
CA PHE B 96 15.93 -25.15 -12.06
C PHE B 96 15.95 -26.43 -12.87
N ALA B 97 15.60 -26.33 -14.15
CA ALA B 97 15.53 -27.54 -15.06
C ALA B 97 16.90 -27.91 -15.54
N ASN B 98 17.01 -29.18 -15.93
CA ASN B 98 18.14 -29.74 -16.62
C ASN B 98 17.75 -30.48 -17.90
N GLY B 99 18.76 -30.88 -18.70
CA GLY B 99 18.61 -31.73 -19.89
C GLY B 99 17.57 -31.16 -20.83
N ASN B 100 16.78 -32.06 -21.47
CA ASN B 100 15.71 -31.71 -22.40
C ASN B 100 14.69 -30.72 -21.86
N ARG B 101 14.21 -30.96 -20.65
CA ARG B 101 13.29 -29.99 -20.04
C ARG B 101 13.93 -28.59 -20.10
N TRP B 102 15.20 -28.46 -19.71
CA TRP B 102 15.87 -27.11 -19.86
C TRP B 102 15.94 -26.58 -21.29
N LYS B 103 16.43 -27.40 -22.21
CA LYS B 103 16.52 -26.97 -23.60
C LYS B 103 15.19 -26.43 -24.04
N VAL B 104 14.10 -27.16 -23.80
CA VAL B 104 12.77 -26.70 -24.21
C VAL B 104 12.32 -25.38 -23.53
N LEU B 105 12.35 -25.35 -22.20
CA LEU B 105 11.93 -24.15 -21.48
C LEU B 105 12.81 -22.95 -21.79
N ARG B 106 14.12 -23.19 -22.00
CA ARG B 106 15.08 -22.09 -22.34
C ARG B 106 14.75 -21.46 -23.69
N ARG B 107 14.59 -22.31 -24.69
CA ARG B 107 14.22 -21.88 -26.05
C ARG B 107 12.90 -21.14 -25.98
N PHE B 108 11.92 -21.76 -25.33
CA PHE B 108 10.62 -21.10 -25.22
C PHE B 108 10.70 -19.71 -24.52
N SER B 109 11.34 -19.67 -23.35
CA SER B 109 11.42 -18.44 -22.58
C SER B 109 12.23 -17.36 -23.34
N VAL B 110 13.36 -17.74 -23.93
CA VAL B 110 14.12 -16.75 -24.66
C VAL B 110 13.22 -16.11 -25.74
N THR B 111 12.64 -16.95 -26.61
CA THR B 111 11.83 -16.41 -27.69
C THR B 111 10.70 -15.53 -27.17
N THR B 112 10.05 -15.95 -26.08
CA THR B 112 8.82 -15.29 -25.72
C THR B 112 9.04 -14.07 -24.85
N MET B 113 10.21 -13.95 -24.23
CA MET B 113 10.64 -12.73 -23.52
C MET B 113 11.21 -11.68 -24.52
N ARG B 114 11.34 -12.08 -25.79
CA ARG B 114 11.82 -11.11 -26.79
C ARG B 114 10.80 -10.77 -27.92
N ASP B 115 10.23 -11.77 -28.59
CA ASP B 115 9.20 -11.57 -29.63
C ASP B 115 7.82 -11.60 -29.00
N PHE B 116 6.96 -10.64 -29.32
CA PHE B 116 5.66 -10.57 -28.61
C PHE B 116 4.42 -10.66 -29.50
N GLY B 117 4.60 -10.43 -30.79
CA GLY B 117 3.48 -10.36 -31.76
C GLY B 117 3.46 -9.00 -32.42
N MET B 118 2.90 -8.92 -33.63
CA MET B 118 2.78 -7.64 -34.39
C MET B 118 1.73 -6.74 -33.70
N GLY B 119 2.06 -5.46 -33.54
CA GLY B 119 1.16 -4.53 -32.83
C GLY B 119 1.33 -4.45 -31.31
N LYS B 120 2.23 -5.28 -30.77
CA LYS B 120 2.61 -5.25 -29.34
C LYS B 120 3.85 -4.39 -29.17
N ARG B 121 3.93 -3.70 -28.03
CA ARG B 121 5.06 -2.83 -27.66
C ARG B 121 6.41 -3.56 -27.47
N SER B 122 7.51 -2.90 -27.84
CA SER B 122 8.84 -3.43 -27.53
C SER B 122 9.07 -3.45 -25.98
N VAL B 123 10.08 -4.21 -25.53
CA VAL B 123 10.66 -4.09 -24.20
C VAL B 123 10.87 -2.60 -23.85
N GLU B 124 11.67 -1.89 -24.66
CA GLU B 124 11.99 -0.50 -24.39
C GLU B 124 10.72 0.34 -24.15
N GLU B 125 9.73 0.16 -25.01
CA GLU B 125 8.48 0.90 -24.87
C GLU B 125 7.75 0.59 -23.55
N ARG B 126 7.73 -0.67 -23.14
CA ARG B 126 6.99 -1.02 -21.92
C ARG B 126 7.76 -0.38 -20.73
N ILE B 127 9.08 -0.40 -20.81
CA ILE B 127 9.86 0.20 -19.73
C ILE B 127 9.63 1.71 -19.69
N GLN B 128 9.70 2.35 -20.86
CA GLN B 128 9.43 3.79 -20.91
C GLN B 128 8.09 4.17 -20.30
N GLU B 129 7.06 3.35 -20.52
CA GLU B 129 5.73 3.69 -20.06
C GLU B 129 5.70 3.47 -18.59
N GLU B 130 6.27 2.35 -18.16
CA GLU B 130 6.28 2.12 -16.72
C GLU B 130 7.07 3.23 -16.02
N ALA B 131 8.15 3.72 -16.66
CA ALA B 131 8.96 4.82 -16.07
C ALA B 131 8.14 6.08 -15.84
N GLN B 132 7.30 6.44 -16.83
CA GLN B 132 6.38 7.63 -16.72
C GLN B 132 5.38 7.40 -15.60
N CYS B 133 4.88 6.16 -15.44
CA CYS B 133 3.99 5.87 -14.31
C CYS B 133 4.71 6.07 -12.98
N LEU B 134 5.95 5.57 -12.90
CA LEU B 134 6.79 5.75 -11.70
C LEU B 134 7.00 7.24 -11.37
N ILE B 135 7.31 8.05 -12.37
CA ILE B 135 7.57 9.50 -12.10
C ILE B 135 6.31 10.19 -11.63
N GLU B 136 5.17 9.87 -12.25
CA GLU B 136 3.89 10.40 -11.75
C GLU B 136 3.61 9.99 -10.30
N GLU B 137 3.86 8.73 -9.95
CA GLU B 137 3.69 8.32 -8.54
C GLU B 137 4.68 9.07 -7.62
N LEU B 138 5.95 9.17 -8.04
CA LEU B 138 6.90 9.95 -7.23
C LEU B 138 6.45 11.40 -7.11
N ARG B 139 5.91 12.00 -8.19
CA ARG B 139 5.37 13.38 -8.06
C ARG B 139 4.30 13.44 -6.96
N LYS B 140 3.40 12.46 -6.94
CA LYS B 140 2.29 12.51 -5.96
C LYS B 140 2.73 12.35 -4.54
N SER B 141 3.94 11.81 -4.31
CA SER B 141 4.36 11.67 -2.91
C SER B 141 4.77 13.03 -2.40
N LYS B 142 4.99 13.99 -3.31
CA LYS B 142 5.37 15.35 -2.86
C LYS B 142 6.51 15.35 -1.86
N GLY B 143 7.54 14.57 -2.13
CA GLY B 143 8.76 14.67 -1.36
C GLY B 143 8.62 14.02 -0.02
N ALA B 144 7.57 13.26 0.22
CA ALA B 144 7.52 12.55 1.55
C ALA B 144 8.57 11.43 1.64
N LEU B 145 8.99 11.12 2.87
CA LEU B 145 9.85 9.98 3.14
C LEU B 145 9.15 8.64 2.80
N MET B 146 9.87 7.75 2.12
CA MET B 146 9.37 6.40 1.90
C MET B 146 10.56 5.42 1.94
N ASP B 147 10.26 4.15 2.23
CA ASP B 147 11.12 3.07 1.83
C ASP B 147 10.71 2.69 0.39
N PRO B 148 11.62 2.84 -0.60
CA PRO B 148 11.21 2.72 -2.00
C PRO B 148 11.11 1.28 -2.47
N THR B 149 11.31 0.30 -1.59
CA THR B 149 11.42 -1.14 -2.00
C THR B 149 10.22 -1.63 -2.82
N PHE B 150 9.03 -1.42 -2.26
CA PHE B 150 7.77 -1.75 -2.94
C PHE B 150 7.61 -1.11 -4.31
N LEU B 151 7.96 0.14 -4.48
CA LEU B 151 7.86 0.73 -5.83
C LEU B 151 8.89 0.15 -6.78
N PHE B 152 10.09 -0.16 -6.26
CA PHE B 152 11.10 -0.73 -7.16
C PHE B 152 10.68 -2.15 -7.59
N GLN B 153 10.12 -2.94 -6.69
CA GLN B 153 9.56 -4.25 -7.09
C GLN B 153 8.39 -4.06 -8.05
N SER B 154 7.54 -3.06 -7.84
CA SER B 154 6.39 -2.91 -8.74
C SER B 154 6.79 -2.63 -10.14
N ILE B 155 7.72 -1.69 -10.36
CA ILE B 155 8.06 -1.33 -11.71
C ILE B 155 8.73 -2.47 -12.49
N THR B 156 9.46 -3.34 -11.80
CA THR B 156 10.21 -4.40 -12.47
C THR B 156 9.22 -5.56 -12.63
N ALA B 157 8.41 -5.81 -11.61
CA ALA B 157 7.32 -6.79 -11.77
C ALA B 157 6.41 -6.42 -12.94
N ASN B 158 6.11 -5.13 -13.10
CA ASN B 158 5.15 -4.73 -14.11
C ASN B 158 5.66 -4.99 -15.49
N ILE B 159 6.99 -4.91 -15.67
CA ILE B 159 7.58 -5.25 -16.97
C ILE B 159 7.37 -6.73 -17.33
N ILE B 160 7.65 -7.62 -16.38
CA ILE B 160 7.37 -9.04 -16.56
C ILE B 160 5.90 -9.38 -16.68
N CYS B 161 5.08 -8.78 -15.83
CA CYS B 161 3.63 -8.79 -16.00
C CYS B 161 3.14 -8.44 -17.40
N SER B 162 3.69 -7.41 -18.02
CA SER B 162 3.11 -7.06 -19.29
C SER B 162 3.42 -8.15 -20.35
N ILE B 163 4.57 -8.82 -20.22
CA ILE B 163 4.92 -9.91 -21.13
C ILE B 163 4.14 -11.21 -20.80
N VAL B 164 4.08 -11.55 -19.53
CA VAL B 164 3.53 -12.80 -19.07
C VAL B 164 1.99 -12.77 -19.03
N PHE B 165 1.44 -11.77 -18.35
CA PHE B 165 0.01 -11.67 -18.17
C PHE B 165 -0.67 -10.71 -19.10
N GLY B 166 0.05 -9.98 -19.93
CA GLY B 166 -0.57 -9.04 -20.80
C GLY B 166 -1.08 -7.75 -20.17
N LYS B 167 -0.78 -7.49 -18.90
CA LYS B 167 -1.28 -6.26 -18.24
C LYS B 167 -0.25 -5.77 -17.20
N ARG B 168 -0.47 -4.59 -16.64
CA ARG B 168 0.33 -4.16 -15.51
C ARG B 168 -0.64 -4.00 -14.35
N PHE B 169 -0.10 -3.92 -13.13
CA PHE B 169 -0.88 -3.64 -11.95
C PHE B 169 -0.55 -2.28 -11.41
N HIS B 170 -1.54 -1.70 -10.72
CA HIS B 170 -1.45 -0.43 -10.13
C HIS B 170 -0.69 -0.52 -8.83
N TYR B 171 0.02 0.56 -8.55
CA TYR B 171 0.88 0.68 -7.41
C TYR B 171 0.08 0.66 -6.08
N GLN B 172 -1.21 1.01 -6.14
CA GLN B 172 -2.07 1.13 -4.94
C GLN B 172 -2.79 -0.19 -4.68
N ASP B 173 -2.75 -1.06 -5.69
CA ASP B 173 -3.37 -2.36 -5.62
C ASP B 173 -2.74 -3.21 -4.47
N GLN B 174 -3.45 -3.30 -3.34
CA GLN B 174 -3.04 -4.09 -2.15
C GLN B 174 -2.80 -5.62 -2.38
N GLU B 175 -3.47 -6.20 -3.35
CA GLU B 175 -3.25 -7.57 -3.76
C GLU B 175 -1.97 -7.81 -4.52
N PHE B 176 -1.67 -6.89 -5.40
CA PHE B 176 -0.44 -6.93 -6.17
C PHE B 176 0.66 -6.81 -5.16
N LEU B 177 0.51 -5.86 -4.26
CA LEU B 177 1.47 -5.65 -3.20
C LEU B 177 1.65 -6.88 -2.32
N LYS B 178 0.54 -7.57 -2.09
CA LYS B 178 0.63 -8.76 -1.29
C LYS B 178 1.59 -9.80 -1.95
N MET B 179 1.49 -9.96 -3.25
CA MET B 179 2.38 -10.86 -3.95
C MET B 179 3.83 -10.38 -3.98
N LEU B 180 4.01 -9.07 -4.19
CA LEU B 180 5.34 -8.46 -4.05
C LEU B 180 5.90 -8.70 -2.65
N ASN B 181 5.02 -8.71 -1.64
CA ASN B 181 5.54 -8.97 -0.33
C ASN B 181 6.03 -10.42 -0.18
N LEU B 182 5.33 -11.36 -0.80
CA LEU B 182 5.76 -12.72 -0.73
C LEU B 182 7.14 -12.94 -1.38
N PHE B 183 7.37 -12.28 -2.52
CA PHE B 183 8.62 -12.43 -3.25
C PHE B 183 9.72 -11.83 -2.35
N TYR B 184 9.47 -10.65 -1.81
CA TYR B 184 10.46 -9.98 -0.98
C TYR B 184 10.87 -10.83 0.23
N GLN B 185 9.89 -11.30 0.99
CA GLN B 185 10.17 -12.09 2.18
C GLN B 185 10.91 -13.36 1.83
N THR B 186 10.58 -13.94 0.68
CA THR B 186 11.12 -15.25 0.30
C THR B 186 12.60 -15.05 0.01
N PHE B 187 12.95 -14.03 -0.78
CA PHE B 187 14.33 -13.76 -1.16
C PHE B 187 15.11 -13.50 0.12
N SER B 188 14.54 -12.79 1.08
CA SER B 188 15.23 -12.55 2.33
C SER B 188 15.44 -13.83 3.11
N LEU B 189 14.41 -14.68 3.19
CA LEU B 189 14.51 -15.85 4.02
C LEU B 189 15.52 -16.80 3.42
N ILE B 190 15.56 -16.85 2.09
CA ILE B 190 16.46 -17.75 1.39
C ILE B 190 17.91 -17.28 1.67
N SER B 191 18.11 -15.95 1.78
CA SER B 191 19.50 -15.49 1.90
C SER B 191 19.96 -15.36 3.34
N SER B 192 19.06 -15.68 4.28
CA SER B 192 19.35 -15.52 5.71
C SER B 192 20.37 -16.58 6.18
N VAL B 193 20.84 -16.40 7.40
CA VAL B 193 21.75 -17.33 8.03
C VAL B 193 21.05 -18.69 8.05
N PHE B 194 19.78 -18.71 8.48
CA PHE B 194 19.11 -20.00 8.45
C PHE B 194 19.18 -20.64 7.06
N GLY B 195 19.00 -19.84 6.03
CA GLY B 195 18.90 -20.39 4.69
C GLY B 195 20.23 -20.94 4.21
N GLN B 196 21.30 -20.31 4.70
CA GLN B 196 22.64 -20.81 4.37
C GLN B 196 22.91 -22.14 5.08
N LEU B 197 22.55 -22.19 6.35
CA LEU B 197 22.72 -23.44 7.14
C LEU B 197 21.89 -24.57 6.48
N PHE B 198 20.73 -24.22 5.94
CA PHE B 198 19.86 -25.23 5.33
C PHE B 198 20.52 -25.78 4.11
N GLU B 199 21.32 -24.95 3.44
CA GLU B 199 22.19 -25.46 2.37
C GLU B 199 23.11 -26.59 2.84
N LEU B 200 23.59 -26.50 4.06
CA LEU B 200 24.46 -27.57 4.49
C LEU B 200 23.63 -28.78 4.96
N PHE B 201 22.57 -28.50 5.74
CA PHE B 201 21.91 -29.61 6.48
C PHE B 201 20.42 -29.81 6.22
N SER B 202 19.99 -29.50 5.00
CA SER B 202 18.56 -29.57 4.68
C SER B 202 17.98 -30.95 5.04
N GLY B 203 18.77 -31.99 4.78
CA GLY B 203 18.34 -33.38 5.09
C GLY B 203 17.99 -33.61 6.57
N PHE B 204 18.68 -32.95 7.48
CA PHE B 204 18.32 -33.01 8.88
C PHE B 204 17.31 -31.95 9.28
N LEU B 205 17.50 -30.71 8.84
CA LEU B 205 16.69 -29.58 9.30
C LEU B 205 15.24 -29.59 8.74
N LYS B 206 15.06 -30.28 7.64
CA LYS B 206 13.74 -30.25 7.04
C LYS B 206 12.62 -30.87 7.93
N HIS B 207 12.99 -31.75 8.87
CA HIS B 207 12.05 -32.39 9.82
C HIS B 207 11.57 -31.46 10.88
N PHE B 208 12.14 -30.27 10.94
CA PHE B 208 11.87 -29.34 11.98
C PHE B 208 11.22 -28.04 11.46
N PRO B 209 10.48 -27.34 12.36
CA PRO B 209 10.02 -25.99 12.01
C PRO B 209 11.20 -25.10 11.56
N GLY B 210 10.91 -24.12 10.68
CA GLY B 210 11.89 -23.06 10.32
C GLY B 210 11.53 -22.38 9.01
N ALA B 211 12.41 -21.49 8.58
CA ALA B 211 12.20 -20.66 7.39
C ALA B 211 11.92 -21.40 6.07
N HIS B 212 12.50 -22.56 5.88
CA HIS B 212 12.15 -23.36 4.71
C HIS B 212 10.66 -23.64 4.59
N ARG B 213 9.94 -23.73 5.70
CA ARG B 213 8.47 -23.98 5.61
C ARG B 213 7.71 -22.76 5.20
N GLN B 214 8.17 -21.62 5.71
CA GLN B 214 7.61 -20.35 5.30
C GLN B 214 7.90 -20.10 3.81
N VAL B 215 9.14 -20.39 3.35
CA VAL B 215 9.47 -20.14 1.93
C VAL B 215 8.55 -21.01 1.06
N TYR B 216 8.40 -22.28 1.43
CA TYR B 216 7.61 -23.22 0.64
C TYR B 216 6.17 -22.69 0.64
N LYS B 217 5.65 -22.31 1.82
CA LYS B 217 4.27 -21.80 1.83
C LYS B 217 4.07 -20.47 1.00
N ASN B 218 5.00 -19.51 1.06
CA ASN B 218 4.94 -18.32 0.21
C ASN B 218 4.89 -18.67 -1.29
N LEU B 219 5.74 -19.61 -1.73
CA LEU B 219 5.77 -19.98 -3.14
C LEU B 219 4.46 -20.66 -3.56
N GLN B 220 3.86 -21.48 -2.68
CA GLN B 220 2.53 -22.08 -3.01
C GLN B 220 1.46 -21.01 -3.18
N GLU B 221 1.50 -20.02 -2.32
CA GLU B 221 0.58 -18.90 -2.42
C GLU B 221 0.79 -18.10 -3.74
N ILE B 222 2.02 -17.75 -4.12
CA ILE B 222 2.20 -17.13 -5.45
C ILE B 222 1.70 -18.12 -6.55
N ASN B 223 2.02 -19.39 -6.37
CA ASN B 223 1.61 -20.43 -7.31
C ASN B 223 0.07 -20.50 -7.54
N ALA B 224 -0.70 -20.28 -6.48
CA ALA B 224 -2.17 -20.35 -6.57
C ALA B 224 -2.65 -19.21 -7.44
N TYR B 225 -2.09 -18.02 -7.24
CA TYR B 225 -2.41 -16.93 -8.19
C TYR B 225 -2.13 -17.31 -9.67
N ILE B 226 -0.94 -17.79 -9.95
CA ILE B 226 -0.64 -18.13 -11.34
C ILE B 226 -1.57 -19.20 -11.92
N GLY B 227 -1.94 -20.18 -11.09
CA GLY B 227 -2.77 -21.33 -11.54
C GLY B 227 -4.14 -20.78 -11.96
N HIS B 228 -4.66 -19.84 -11.15
CA HIS B 228 -5.89 -19.17 -11.47
C HIS B 228 -5.76 -18.34 -12.72
N SER B 229 -4.66 -17.61 -12.90
CA SER B 229 -4.48 -16.84 -14.10
C SER B 229 -4.44 -17.70 -15.33
N VAL B 230 -3.74 -18.82 -15.24
CA VAL B 230 -3.63 -19.75 -16.35
C VAL B 230 -5.04 -20.24 -16.79
N GLU B 231 -5.85 -20.59 -15.78
CA GLU B 231 -7.20 -21.12 -16.04
C GLU B 231 -8.10 -20.07 -16.77
N LYS B 232 -8.06 -18.82 -16.30
CA LYS B 232 -8.69 -17.66 -16.97
C LYS B 232 -8.26 -17.40 -18.43
N HIS B 233 -6.94 -17.47 -18.67
CA HIS B 233 -6.41 -17.44 -20.02
C HIS B 233 -6.97 -18.60 -20.84
N ARG B 234 -7.02 -19.79 -20.24
CA ARG B 234 -7.47 -20.95 -21.00
C ARG B 234 -8.94 -20.70 -21.45
N GLU B 235 -9.80 -20.28 -20.53
CA GLU B 235 -11.21 -20.00 -20.83
C GLU B 235 -11.40 -19.03 -22.01
N THR B 236 -10.48 -18.08 -22.19
CA THR B 236 -10.71 -16.98 -23.10
C THR B 236 -9.68 -16.98 -24.23
N LEU B 237 -9.08 -18.14 -24.45
CA LEU B 237 -7.97 -18.23 -25.38
C LEU B 237 -8.50 -18.15 -26.81
N ASP B 238 -8.05 -17.15 -27.56
CA ASP B 238 -8.23 -17.11 -29.01
C ASP B 238 -6.96 -17.62 -29.71
N PRO B 239 -7.01 -18.84 -30.25
CA PRO B 239 -5.82 -19.45 -30.84
C PRO B 239 -5.26 -18.68 -32.01
N SER B 240 -6.03 -17.78 -32.61
CA SER B 240 -5.48 -17.02 -33.73
C SER B 240 -4.84 -15.70 -33.27
N ALA B 241 -4.95 -15.39 -31.99
CA ALA B 241 -4.43 -14.14 -31.45
C ALA B 241 -3.95 -14.30 -29.99
N PRO B 242 -2.76 -14.87 -29.80
CA PRO B 242 -2.21 -15.04 -28.46
C PRO B 242 -1.99 -13.66 -27.80
N ARG B 243 -2.42 -13.46 -26.56
CA ARG B 243 -2.24 -12.16 -25.92
C ARG B 243 -0.80 -11.94 -25.37
N ASP B 244 -0.18 -13.02 -24.89
CA ASP B 244 0.97 -12.92 -24.01
C ASP B 244 1.64 -14.27 -23.88
N LEU B 245 2.67 -14.36 -23.04
CA LEU B 245 3.43 -15.60 -22.89
C LEU B 245 2.59 -16.84 -22.40
N ILE B 246 1.63 -16.64 -21.51
CA ILE B 246 0.76 -17.74 -21.07
C ILE B 246 -0.05 -18.31 -22.28
N ASP B 247 -0.69 -17.45 -23.07
CA ASP B 247 -1.37 -17.95 -24.28
C ASP B 247 -0.39 -18.70 -25.18
N THR B 248 0.83 -18.21 -25.31
CA THR B 248 1.74 -18.86 -26.26
C THR B 248 2.09 -20.27 -25.75
N TYR B 249 2.26 -20.42 -24.46
CA TYR B 249 2.53 -21.73 -23.89
C TYR B 249 1.30 -22.66 -24.02
N LEU B 250 0.14 -22.16 -23.65
CA LEU B 250 -1.09 -22.91 -23.85
C LEU B 250 -1.20 -23.45 -25.30
N LEU B 251 -0.72 -22.69 -26.28
CA LEU B 251 -0.83 -23.20 -27.65
C LEU B 251 0.19 -24.27 -27.92
N HIS B 252 1.34 -24.18 -27.27
CA HIS B 252 2.32 -25.21 -27.46
C HIS B 252 1.82 -26.47 -26.79
N MET B 253 1.14 -26.32 -25.66
CA MET B 253 0.66 -27.46 -24.94
C MET B 253 -0.34 -28.24 -25.86
N GLU B 254 -1.29 -27.51 -26.45
CA GLU B 254 -2.26 -28.10 -27.36
C GLU B 254 -1.58 -28.79 -28.54
N LYS B 255 -0.62 -28.11 -29.15
CA LYS B 255 0.09 -28.61 -30.28
C LYS B 255 0.83 -29.91 -29.94
N GLU B 256 1.35 -30.06 -28.72
CA GLU B 256 2.14 -31.29 -28.38
C GLU B 256 1.35 -32.31 -27.51
N LYS B 257 0.03 -32.18 -27.40
CA LYS B 257 -0.67 -32.98 -26.39
C LYS B 257 -0.62 -34.50 -26.65
N SER B 258 -0.41 -34.89 -27.91
CA SER B 258 -0.37 -36.29 -28.21
C SER B 258 0.96 -36.97 -27.79
N ASN B 259 1.93 -36.19 -27.31
CA ASN B 259 3.19 -36.71 -26.84
C ASN B 259 3.12 -36.66 -25.30
N ALA B 260 3.06 -37.84 -24.68
CA ALA B 260 3.00 -37.93 -23.22
C ALA B 260 4.22 -37.36 -22.55
N HIS B 261 5.34 -37.30 -23.26
CA HIS B 261 6.56 -36.73 -22.69
C HIS B 261 6.77 -35.23 -23.05
N SER B 262 5.74 -34.54 -23.49
CA SER B 262 5.84 -33.12 -23.82
C SER B 262 6.36 -32.48 -22.54
N GLU B 263 7.30 -31.56 -22.68
CA GLU B 263 7.72 -30.74 -21.55
C GLU B 263 6.76 -29.53 -21.28
N PHE B 264 5.80 -29.29 -22.18
CA PHE B 264 4.82 -28.26 -21.92
C PHE B 264 3.76 -28.75 -20.94
N SER B 265 4.20 -29.12 -19.74
CA SER B 265 3.26 -29.68 -18.80
C SER B 265 2.57 -28.56 -18.02
N HIS B 266 1.51 -28.86 -17.27
CA HIS B 266 0.95 -27.86 -16.35
C HIS B 266 1.93 -27.46 -15.24
N GLN B 267 2.73 -28.40 -14.75
CA GLN B 267 3.65 -28.01 -13.70
C GLN B 267 4.78 -27.07 -14.22
N ASN B 268 5.29 -27.32 -15.42
CA ASN B 268 6.24 -26.39 -16.00
C ASN B 268 5.57 -25.03 -16.26
N LEU B 269 4.28 -25.04 -16.62
CA LEU B 269 3.61 -23.79 -16.99
C LEU B 269 3.63 -22.87 -15.77
N ASN B 270 3.12 -23.40 -14.65
CA ASN B 270 3.10 -22.65 -13.40
C ASN B 270 4.49 -22.27 -12.91
N LEU B 271 5.43 -23.21 -12.95
CA LEU B 271 6.70 -23.01 -12.27
C LEU B 271 7.68 -22.27 -13.15
N ASN B 272 7.53 -22.36 -14.46
CA ASN B 272 8.32 -21.57 -15.34
C ASN B 272 7.86 -20.14 -15.23
N THR B 273 6.56 -19.98 -15.30
CA THR B 273 5.95 -18.71 -15.15
C THR B 273 6.41 -18.01 -13.85
N LEU B 274 6.27 -18.68 -12.74
CA LEU B 274 6.74 -18.26 -11.41
C LEU B 274 8.23 -17.89 -11.41
N SER B 275 9.00 -18.77 -12.01
CA SER B 275 10.42 -18.57 -12.16
C SER B 275 10.75 -17.22 -12.77
N LEU B 276 10.08 -16.88 -13.85
CA LEU B 276 10.25 -15.66 -14.58
C LEU B 276 9.82 -14.47 -13.78
N PHE B 277 8.76 -14.63 -13.03
CA PHE B 277 8.28 -13.62 -12.13
C PHE B 277 9.21 -13.32 -11.02
N PHE B 278 9.73 -14.36 -10.42
CA PHE B 278 10.58 -14.23 -9.31
C PHE B 278 11.84 -13.55 -9.77
N ALA B 279 12.60 -14.20 -10.62
CA ALA B 279 13.79 -13.59 -11.24
C ALA B 279 13.55 -12.16 -11.82
N GLY B 280 12.43 -11.90 -12.49
CA GLY B 280 12.20 -10.62 -13.11
C GLY B 280 11.97 -9.47 -12.14
N THR B 281 11.57 -9.79 -10.91
CA THR B 281 11.15 -8.83 -9.92
C THR B 281 12.24 -8.57 -8.87
N GLU B 282 12.78 -9.60 -8.24
CA GLU B 282 13.66 -9.44 -7.10
C GLU B 282 15.07 -9.01 -7.45
N THR B 283 15.50 -9.31 -8.67
CA THR B 283 16.86 -9.02 -9.09
C THR B 283 17.07 -7.53 -9.32
N THR B 284 16.37 -6.99 -10.31
CA THR B 284 16.47 -5.61 -10.66
C THR B 284 16.08 -4.71 -9.54
N SER B 285 15.02 -5.04 -8.85
CA SER B 285 14.58 -4.17 -7.78
C SER B 285 15.57 -4.04 -6.66
N THR B 286 16.30 -5.11 -6.37
CA THR B 286 17.26 -5.16 -5.31
C THR B 286 18.50 -4.32 -5.75
N THR B 287 18.95 -4.48 -6.99
CA THR B 287 19.95 -3.57 -7.57
C THR B 287 19.51 -2.10 -7.50
N LEU B 288 18.27 -1.78 -7.86
CA LEU B 288 17.77 -0.41 -7.67
C LEU B 288 17.78 0.09 -6.23
N ARG B 289 17.39 -0.76 -5.28
CA ARG B 289 17.40 -0.37 -3.89
C ARG B 289 18.86 -0.01 -3.53
N TYR B 290 19.82 -0.90 -3.88
CA TYR B 290 21.19 -0.54 -3.56
C TYR B 290 21.61 0.75 -4.26
N GLY B 291 21.24 0.89 -5.52
CA GLY B 291 21.73 2.03 -6.31
C GLY B 291 21.32 3.34 -5.68
N PHE B 292 20.06 3.41 -5.19
CA PHE B 292 19.56 4.65 -4.56
C PHE B 292 20.17 4.91 -3.17
N LEU B 293 20.45 3.85 -2.43
CA LEU B 293 21.25 3.99 -1.22
C LEU B 293 22.65 4.53 -1.58
N LEU B 294 23.31 4.00 -2.62
CA LEU B 294 24.63 4.51 -3.02
C LEU B 294 24.50 6.01 -3.40
N MET B 295 23.39 6.40 -4.00
CA MET B 295 23.22 7.78 -4.42
C MET B 295 23.09 8.73 -3.20
N LEU B 296 22.49 8.21 -2.10
CA LEU B 296 22.37 8.97 -0.87
C LEU B 296 23.75 9.07 -0.25
N LYS B 297 24.52 8.00 -0.34
CA LYS B 297 25.84 8.05 0.28
C LYS B 297 26.87 8.87 -0.56
N TYR B 298 26.70 8.91 -1.89
CA TYR B 298 27.61 9.63 -2.77
C TYR B 298 26.87 10.63 -3.63
N PRO B 299 26.30 11.69 -3.02
CA PRO B 299 25.50 12.64 -3.78
C PRO B 299 26.26 13.31 -4.93
N HIS B 300 27.59 13.42 -4.85
CA HIS B 300 28.33 14.06 -5.98
C HIS B 300 28.27 13.15 -7.20
N VAL B 301 28.11 11.83 -6.98
CA VAL B 301 27.93 10.95 -8.13
C VAL B 301 26.55 11.20 -8.77
N ALA B 302 25.52 11.33 -7.93
CA ALA B 302 24.19 11.52 -8.46
C ALA B 302 24.14 12.88 -9.21
N GLU B 303 24.79 13.88 -8.67
CA GLU B 303 24.77 15.22 -9.25
C GLU B 303 25.49 15.20 -10.61
N ARG B 304 26.55 14.42 -10.70
CA ARG B 304 27.29 14.36 -11.95
C ARG B 304 26.46 13.61 -12.94
N VAL B 305 25.73 12.56 -12.47
CA VAL B 305 24.86 11.86 -13.41
C VAL B 305 23.77 12.83 -13.95
N TYR B 306 23.18 13.66 -13.09
CA TYR B 306 22.16 14.60 -13.55
C TYR B 306 22.72 15.61 -14.58
N ARG B 307 23.95 16.06 -14.36
CA ARG B 307 24.61 16.94 -15.32
C ARG B 307 24.65 16.32 -16.72
N GLU B 308 24.99 15.03 -16.79
CA GLU B 308 25.07 14.33 -18.05
C GLU B 308 23.70 14.14 -18.67
N ILE B 309 22.72 13.78 -17.84
CA ILE B 309 21.34 13.76 -18.29
C ILE B 309 20.93 15.10 -18.94
N GLU B 310 21.12 16.18 -18.23
CA GLU B 310 20.85 17.49 -18.74
C GLU B 310 21.45 17.71 -20.08
N GLN B 311 22.74 17.47 -20.20
CA GLN B 311 23.49 17.83 -21.41
C GLN B 311 23.06 16.96 -22.54
N VAL B 312 22.86 15.68 -22.27
CA VAL B 312 22.61 14.68 -23.33
C VAL B 312 21.15 14.54 -23.65
N ILE B 313 20.30 14.60 -22.65
CA ILE B 313 18.89 14.30 -22.92
C ILE B 313 18.05 15.57 -22.73
N GLY B 314 18.45 16.41 -21.80
CA GLY B 314 17.62 17.55 -21.45
C GLY B 314 16.64 17.20 -20.30
N PRO B 315 15.94 18.22 -19.78
CA PRO B 315 15.10 18.01 -18.59
C PRO B 315 13.74 17.36 -18.91
N HIS B 316 13.30 17.33 -20.17
CA HIS B 316 11.94 16.85 -20.51
C HIS B 316 11.78 15.57 -21.33
N ARG B 317 12.56 15.42 -22.41
CA ARG B 317 12.38 14.32 -23.33
C ARG B 317 12.70 13.02 -22.59
N PRO B 318 11.82 12.01 -22.71
CA PRO B 318 12.08 10.81 -21.86
C PRO B 318 13.35 10.10 -22.34
N PRO B 319 14.15 9.56 -21.42
CA PRO B 319 15.35 8.80 -21.84
C PRO B 319 14.94 7.56 -22.68
N GLU B 320 15.83 7.15 -23.60
CA GLU B 320 15.61 6.07 -24.53
C GLU B 320 16.94 5.29 -24.56
N LEU B 321 16.93 4.03 -24.94
CA LEU B 321 18.15 3.24 -24.97
C LEU B 321 19.24 3.83 -25.87
N HIS B 322 18.86 4.51 -26.95
CA HIS B 322 19.85 5.15 -27.84
C HIS B 322 20.72 6.16 -27.07
N ASP B 323 20.26 6.68 -25.95
CA ASP B 323 21.08 7.65 -25.19
C ASP B 323 22.32 7.04 -24.54
N ARG B 324 22.35 5.70 -24.47
CA ARG B 324 23.33 5.05 -23.64
C ARG B 324 24.71 5.40 -24.07
N ALA B 325 24.96 5.32 -25.38
CA ALA B 325 26.30 5.51 -25.94
C ALA B 325 26.79 6.93 -25.76
N LYS B 326 25.89 7.87 -25.48
CA LYS B 326 26.37 9.22 -25.26
C LYS B 326 26.47 9.51 -23.81
N MET B 327 26.25 8.48 -22.96
CA MET B 327 26.22 8.74 -21.52
C MET B 327 27.18 7.82 -20.80
N PRO B 328 28.50 7.98 -21.05
CA PRO B 328 29.42 6.96 -20.48
C PRO B 328 29.47 7.10 -18.97
N TYR B 329 29.30 8.31 -18.44
CA TYR B 329 29.36 8.43 -17.00
C TYR B 329 28.19 7.68 -16.33
N THR B 330 27.00 7.79 -16.91
CA THR B 330 25.81 7.20 -16.30
C THR B 330 25.94 5.68 -16.39
N GLU B 331 26.49 5.22 -17.51
CA GLU B 331 26.73 3.81 -17.71
C GLU B 331 27.76 3.28 -16.71
N ALA B 332 28.85 4.03 -16.51
CA ALA B 332 29.83 3.65 -15.50
C ALA B 332 29.24 3.50 -14.09
N VAL B 333 28.42 4.46 -13.70
CA VAL B 333 27.70 4.45 -12.41
C VAL B 333 26.78 3.19 -12.31
N ILE B 334 25.98 2.93 -13.33
CA ILE B 334 25.15 1.72 -13.33
C ILE B 334 25.99 0.44 -13.26
N TYR B 335 27.09 0.37 -14.01
CA TYR B 335 27.99 -0.80 -13.87
C TYR B 335 28.53 -0.91 -12.48
N GLU B 336 28.94 0.23 -11.93
CA GLU B 336 29.52 0.18 -10.63
C GLU B 336 28.46 -0.21 -9.58
N ILE B 337 27.23 0.27 -9.72
CA ILE B 337 26.13 -0.19 -8.83
C ILE B 337 26.04 -1.72 -8.88
N GLN B 338 26.14 -2.33 -10.05
CA GLN B 338 25.97 -3.82 -10.16
C GLN B 338 27.17 -4.56 -9.61
N ARG B 339 28.36 -4.02 -9.90
CA ARG B 339 29.59 -4.54 -9.36
C ARG B 339 29.61 -4.51 -7.85
N PHE B 340 29.39 -3.32 -7.27
CA PHE B 340 29.43 -3.17 -5.84
C PHE B 340 28.30 -3.98 -5.14
N SER B 341 27.13 -3.97 -5.74
CA SER B 341 25.93 -4.55 -5.11
C SER B 341 25.97 -6.08 -5.18
N ASP B 342 26.71 -6.65 -6.15
CA ASP B 342 27.12 -8.08 -6.12
C ASP B 342 25.86 -8.96 -5.82
N LEU B 343 24.85 -8.84 -6.64
CA LEU B 343 23.52 -9.41 -6.34
C LEU B 343 23.53 -10.91 -5.94
N LEU B 344 24.24 -11.73 -6.71
CA LEU B 344 24.29 -13.17 -6.42
C LEU B 344 25.76 -13.51 -6.22
N PRO B 345 26.30 -13.36 -5.01
CA PRO B 345 27.76 -13.46 -4.89
C PRO B 345 28.31 -14.83 -5.29
N MET B 346 27.51 -15.89 -5.14
CA MET B 346 27.95 -17.28 -5.49
C MET B 346 27.21 -17.75 -6.72
N GLY B 347 26.62 -16.79 -7.43
CA GLY B 347 25.87 -17.19 -8.63
C GLY B 347 24.68 -18.05 -8.24
N VAL B 348 24.30 -18.90 -9.17
CA VAL B 348 23.27 -19.89 -8.89
C VAL B 348 23.99 -21.27 -9.11
N PRO B 349 23.78 -22.23 -8.20
CA PRO B 349 24.62 -23.44 -8.31
C PRO B 349 24.54 -24.15 -9.68
N HIS B 350 25.68 -24.65 -10.17
CA HIS B 350 25.77 -25.49 -11.38
C HIS B 350 26.02 -26.93 -10.91
N ILE B 351 26.07 -27.87 -11.83
CA ILE B 351 26.43 -29.25 -11.50
C ILE B 351 27.19 -29.74 -12.72
N VAL B 352 28.21 -30.60 -12.54
CA VAL B 352 28.87 -31.06 -13.77
C VAL B 352 28.08 -32.26 -14.36
N THR B 353 27.99 -32.28 -15.70
CA THR B 353 27.03 -33.19 -16.39
C THR B 353 27.66 -34.48 -16.92
N GLN B 354 28.97 -34.45 -17.14
CA GLN B 354 29.76 -35.63 -17.50
C GLN B 354 31.12 -35.49 -16.81
N HIS B 355 31.76 -36.63 -16.51
CA HIS B 355 33.09 -36.65 -15.84
C HIS B 355 34.05 -35.68 -16.57
N THR B 356 34.83 -34.89 -15.84
CA THR B 356 35.59 -33.86 -16.51
C THR B 356 36.96 -33.61 -15.85
N SER B 357 37.89 -33.12 -16.68
CA SER B 357 39.21 -32.72 -16.20
C SER B 357 39.31 -31.18 -16.12
N PHE B 358 39.72 -30.65 -14.97
CA PHE B 358 39.78 -29.21 -14.76
C PHE B 358 41.06 -28.81 -14.00
N ARG B 359 41.98 -28.13 -14.72
CA ARG B 359 43.34 -27.83 -14.22
C ARG B 359 43.94 -29.05 -13.48
N GLY B 360 43.87 -30.21 -14.12
CA GLY B 360 44.47 -31.40 -13.52
C GLY B 360 43.56 -32.12 -12.57
N TYR B 361 42.61 -31.43 -11.95
CA TYR B 361 41.72 -32.14 -11.02
C TYR B 361 40.73 -32.92 -11.85
N ILE B 362 40.09 -33.88 -11.24
CA ILE B 362 39.12 -34.65 -11.98
C ILE B 362 37.85 -34.51 -11.18
N ILE B 363 36.81 -34.04 -11.86
CA ILE B 363 35.54 -33.73 -11.22
C ILE B 363 34.50 -34.69 -11.80
N PRO B 364 34.02 -35.61 -10.95
CA PRO B 364 33.03 -36.59 -11.43
C PRO B 364 31.68 -35.93 -11.75
N LYS B 365 31.01 -36.51 -12.74
CA LYS B 365 29.62 -36.26 -13.03
C LYS B 365 28.81 -36.13 -11.74
N ASP B 366 27.87 -35.19 -11.77
CA ASP B 366 26.96 -34.87 -10.69
C ASP B 366 27.57 -34.08 -9.54
N THR B 367 28.83 -33.64 -9.69
CA THR B 367 29.40 -32.81 -8.64
C THR B 367 28.82 -31.41 -8.77
N GLU B 368 28.36 -30.87 -7.66
CA GLU B 368 27.91 -29.49 -7.63
C GLU B 368 29.07 -28.52 -7.70
N VAL B 369 28.88 -27.40 -8.40
CA VAL B 369 29.92 -26.36 -8.57
C VAL B 369 29.29 -24.96 -8.28
N PHE B 370 29.90 -24.17 -7.40
CA PHE B 370 29.53 -22.74 -7.30
C PHE B 370 30.56 -21.87 -8.06
N LEU B 371 30.09 -21.03 -8.97
CA LEU B 371 30.95 -20.03 -9.53
C LEU B 371 30.86 -18.82 -8.66
N ILE B 372 31.97 -18.43 -8.00
CA ILE B 372 31.91 -17.32 -7.09
C ILE B 372 32.10 -15.99 -7.87
N LEU B 373 31.02 -15.61 -8.52
CA LEU B 373 30.95 -14.36 -9.25
C LEU B 373 31.52 -13.15 -8.45
N SER B 374 31.27 -13.13 -7.13
CA SER B 374 31.81 -12.07 -6.29
C SER B 374 33.33 -11.91 -6.44
N THR B 375 34.05 -13.03 -6.65
CA THR B 375 35.55 -12.90 -6.78
C THR B 375 35.95 -12.25 -8.10
N ALA B 376 35.11 -12.36 -9.12
CA ALA B 376 35.41 -11.64 -10.36
C ALA B 376 35.13 -10.13 -10.15
N LEU B 377 33.99 -9.84 -9.55
CA LEU B 377 33.52 -8.47 -9.40
C LEU B 377 34.40 -7.71 -8.39
N HIS B 378 35.18 -8.44 -7.58
CA HIS B 378 36.07 -7.78 -6.61
C HIS B 378 37.55 -8.04 -6.93
N ASP B 379 37.86 -8.46 -8.14
CA ASP B 379 39.24 -8.80 -8.44
C ASP B 379 40.06 -7.47 -8.41
N PRO B 380 41.01 -7.33 -7.48
CA PRO B 380 41.84 -6.11 -7.45
C PRO B 380 42.70 -5.80 -8.68
N HIS B 381 42.92 -6.77 -9.58
CA HIS B 381 43.67 -6.54 -10.86
C HIS B 381 42.79 -5.82 -11.85
N TYR B 382 41.48 -5.92 -11.71
CA TYR B 382 40.59 -5.17 -12.64
C TYR B 382 39.97 -3.92 -11.99
N PHE B 383 39.81 -3.96 -10.66
CA PHE B 383 39.18 -2.86 -9.94
C PHE B 383 39.99 -2.52 -8.70
N GLU B 384 40.77 -1.45 -8.80
CA GLU B 384 41.63 -1.02 -7.73
C GLU B 384 40.77 -0.60 -6.55
N LYS B 385 41.09 -1.05 -5.31
CA LYS B 385 40.23 -0.86 -4.15
C LYS B 385 38.79 -1.36 -4.39
N PRO B 386 38.67 -2.63 -4.69
CA PRO B 386 37.37 -3.13 -5.19
C PRO B 386 36.27 -3.11 -4.13
N ASP B 387 36.62 -2.90 -2.86
CA ASP B 387 35.59 -2.85 -1.79
C ASP B 387 34.95 -1.47 -1.69
N ALA B 388 35.46 -0.48 -2.42
CA ALA B 388 34.85 0.85 -2.44
C ALA B 388 33.96 1.08 -3.67
N PHE B 389 32.91 1.87 -3.46
CA PHE B 389 32.04 2.23 -4.55
C PHE B 389 32.73 3.38 -5.29
N ASN B 390 32.98 3.21 -6.58
CA ASN B 390 33.62 4.28 -7.35
C ASN B 390 33.43 4.06 -8.84
N PRO B 391 32.61 4.89 -9.48
CA PRO B 391 32.38 4.70 -10.91
C PRO B 391 33.62 4.80 -11.78
N ASP B 392 34.70 5.43 -11.31
CA ASP B 392 35.94 5.43 -12.16
C ASP B 392 36.43 4.00 -12.39
N HIS B 393 35.97 3.03 -11.59
CA HIS B 393 36.32 1.60 -11.89
C HIS B 393 35.89 1.28 -13.28
N PHE B 394 34.99 2.08 -13.86
CA PHE B 394 34.53 1.80 -15.23
C PHE B 394 34.77 2.93 -16.26
N LEU B 395 35.78 3.77 -15.98
CA LEU B 395 36.04 4.93 -16.83
C LEU B 395 37.52 4.91 -17.18
N ASP B 396 37.88 5.22 -18.43
CA ASP B 396 39.32 5.45 -18.67
C ASP B 396 39.76 6.87 -18.32
N ALA B 397 41.04 7.14 -18.59
CA ALA B 397 41.64 8.47 -18.51
C ALA B 397 40.75 9.59 -19.10
N ASN B 398 40.21 9.35 -20.31
CA ASN B 398 39.34 10.32 -21.05
C ASN B 398 37.91 10.48 -20.49
N GLY B 399 37.56 9.67 -19.47
CA GLY B 399 36.18 9.66 -18.96
C GLY B 399 35.28 8.91 -19.93
N ALA B 400 35.89 8.08 -20.75
CA ALA B 400 35.16 7.25 -21.68
C ALA B 400 34.91 5.90 -20.98
N LEU B 401 33.83 5.22 -21.35
CA LEU B 401 33.47 3.97 -20.71
C LEU B 401 34.53 2.91 -20.93
N LYS B 402 34.99 2.30 -19.85
CA LYS B 402 35.91 1.13 -19.94
C LYS B 402 35.26 -0.18 -19.44
N LYS B 403 34.70 -0.96 -20.36
CA LYS B 403 34.19 -2.29 -20.03
C LYS B 403 35.34 -3.24 -19.72
N THR B 404 35.05 -4.35 -19.07
CA THR B 404 36.10 -5.28 -18.71
C THR B 404 35.54 -6.69 -18.59
N GLU B 405 36.38 -7.68 -18.80
CA GLU B 405 35.92 -9.06 -18.86
C GLU B 405 35.63 -9.57 -17.44
N ALA B 406 36.13 -8.89 -16.40
CA ALA B 406 35.80 -9.21 -15.02
C ALA B 406 34.35 -8.89 -14.62
N PHE B 407 33.63 -8.07 -15.38
CA PHE B 407 32.24 -7.70 -15.06
C PHE B 407 31.27 -8.79 -15.52
N ILE B 408 31.03 -9.79 -14.68
CA ILE B 408 30.10 -10.85 -15.04
C ILE B 408 29.02 -11.05 -13.98
N PRO B 409 28.27 -9.99 -13.70
CA PRO B 409 27.17 -10.12 -12.70
C PRO B 409 25.97 -11.01 -13.18
N PHE B 410 25.93 -11.28 -14.47
CA PHE B 410 24.90 -12.11 -15.08
C PHE B 410 25.47 -13.53 -15.39
N SER B 411 26.69 -13.82 -14.92
CA SER B 411 27.39 -15.09 -15.25
C SER B 411 27.74 -15.16 -16.70
N LEU B 412 28.06 -16.37 -17.15
CA LEU B 412 28.55 -16.66 -18.49
C LEU B 412 27.99 -18.02 -18.97
N GLY B 413 28.06 -18.25 -20.29
CA GLY B 413 27.87 -19.56 -20.87
C GLY B 413 26.42 -19.84 -21.18
N LYS B 414 26.03 -21.10 -21.07
CA LYS B 414 24.72 -21.51 -21.55
C LYS B 414 23.62 -21.15 -20.53
N ARG B 415 24.01 -20.97 -19.27
CA ARG B 415 23.05 -20.65 -18.23
C ARG B 415 23.08 -19.15 -17.90
N ILE B 416 23.74 -18.37 -18.75
CA ILE B 416 23.82 -16.97 -18.53
C ILE B 416 22.39 -16.38 -18.36
N CYS B 417 22.24 -15.36 -17.51
CA CYS B 417 20.94 -14.77 -17.18
C CYS B 417 20.15 -14.57 -18.46
N LEU B 418 18.92 -15.11 -18.58
CA LEU B 418 18.21 -14.85 -19.88
C LEU B 418 17.50 -13.53 -19.85
N GLY B 419 17.41 -12.88 -18.67
CA GLY B 419 16.84 -11.54 -18.53
C GLY B 419 17.84 -10.38 -18.68
N GLU B 420 19.03 -10.66 -19.17
CA GLU B 420 20.14 -9.70 -19.09
C GLU B 420 19.75 -8.46 -19.87
N GLY B 421 19.27 -8.63 -21.11
CA GLY B 421 18.88 -7.51 -22.01
C GLY B 421 17.79 -6.71 -21.32
N ILE B 422 16.79 -7.40 -20.79
CA ILE B 422 15.73 -6.66 -20.07
C ILE B 422 16.25 -5.88 -18.82
N ALA B 423 17.12 -6.51 -18.05
CA ALA B 423 17.59 -5.98 -16.81
C ALA B 423 18.42 -4.72 -17.10
N ARG B 424 19.24 -4.77 -18.15
CA ARG B 424 20.12 -3.62 -18.46
C ARG B 424 19.28 -2.47 -18.91
N ALA B 425 18.24 -2.75 -19.72
CA ALA B 425 17.29 -1.71 -20.12
C ALA B 425 16.56 -1.07 -18.94
N GLU B 426 16.08 -1.90 -17.98
CA GLU B 426 15.40 -1.34 -16.86
C GLU B 426 16.35 -0.50 -16.03
N LEU B 427 17.56 -0.97 -15.81
CA LEU B 427 18.43 -0.22 -14.91
C LEU B 427 18.67 1.14 -15.54
N PHE B 428 19.03 1.16 -16.83
CA PHE B 428 19.36 2.43 -17.45
C PHE B 428 18.15 3.39 -17.51
N LEU B 429 17.02 2.88 -18.00
CA LEU B 429 15.85 3.73 -18.17
C LEU B 429 15.26 4.20 -16.83
N PHE B 430 15.11 3.31 -15.86
CA PHE B 430 14.50 3.73 -14.63
C PHE B 430 15.47 4.66 -13.90
N PHE B 431 16.76 4.29 -13.82
CA PHE B 431 17.73 5.14 -13.14
C PHE B 431 17.79 6.54 -13.77
N THR B 432 17.97 6.63 -15.07
CA THR B 432 18.07 7.98 -15.63
C THR B 432 16.69 8.70 -15.63
N THR B 433 15.57 7.95 -15.80
CA THR B 433 14.30 8.70 -15.85
C THR B 433 13.99 9.26 -14.45
N ILE B 434 14.29 8.49 -13.38
CA ILE B 434 14.10 9.06 -12.05
C ILE B 434 15.01 10.26 -11.84
N LEU B 435 16.31 10.11 -12.17
CA LEU B 435 17.24 11.21 -11.90
C LEU B 435 16.94 12.44 -12.76
N GLN B 436 16.43 12.24 -13.96
CA GLN B 436 16.02 13.37 -14.75
C GLN B 436 14.95 14.23 -14.00
N ASN B 437 14.05 13.58 -13.25
CA ASN B 437 12.95 14.34 -12.64
C ASN B 437 13.14 14.67 -11.15
N PHE B 438 14.09 14.04 -10.44
CA PHE B 438 14.17 14.18 -8.97
C PHE B 438 15.63 14.10 -8.53
N SER B 439 15.96 14.81 -7.46
CA SER B 439 17.19 14.59 -6.74
C SER B 439 16.73 13.88 -5.50
N MET B 440 17.65 13.37 -4.69
CA MET B 440 17.26 12.55 -3.52
C MET B 440 17.73 13.14 -2.22
N ALA B 441 16.94 12.95 -1.16
CA ALA B 441 17.35 13.37 0.12
C ALA B 441 16.90 12.34 1.16
N SER B 442 17.50 12.39 2.35
CA SER B 442 17.15 11.47 3.41
C SER B 442 17.61 12.05 4.73
N PRO B 443 17.11 11.54 5.85
CA PRO B 443 17.52 12.15 7.11
C PRO B 443 18.91 11.68 7.58
N VAL B 444 19.58 10.80 6.81
CA VAL B 444 20.86 10.26 7.29
C VAL B 444 21.97 10.99 6.50
N ALA B 445 22.94 11.60 7.19
CA ALA B 445 24.02 12.28 6.46
C ALA B 445 24.89 11.23 5.67
N PRO B 446 25.40 11.61 4.47
CA PRO B 446 26.24 10.67 3.70
C PRO B 446 27.21 9.87 4.54
N GLU B 447 27.97 10.54 5.39
CA GLU B 447 29.03 9.91 6.20
C GLU B 447 28.46 8.82 7.10
N ASP B 448 27.19 8.93 7.49
CA ASP B 448 26.62 7.96 8.41
C ASP B 448 25.91 6.80 7.69
N ILE B 449 25.70 6.90 6.36
CA ILE B 449 24.97 5.85 5.66
C ILE B 449 25.78 4.55 5.66
N ASP B 450 25.20 3.51 6.25
CA ASP B 450 25.88 2.22 6.38
C ASP B 450 25.42 1.33 5.22
N LEU B 451 26.37 0.84 4.44
CA LEU B 451 26.06 0.06 3.26
C LEU B 451 26.04 -1.45 3.53
N THR B 452 26.34 -1.85 4.76
CA THR B 452 26.41 -3.24 5.12
C THR B 452 25.13 -3.96 4.72
N PRO B 453 25.19 -5.05 3.91
CA PRO B 453 23.96 -5.79 3.53
C PRO B 453 23.14 -6.29 4.75
N GLN B 454 21.81 -6.29 4.64
CA GLN B 454 20.97 -6.84 5.68
C GLN B 454 21.05 -8.37 5.60
N GLU B 455 21.17 -8.95 4.41
CA GLU B 455 21.47 -10.39 4.30
C GLU B 455 22.53 -10.59 3.28
N CYS B 456 23.30 -11.65 3.48
CA CYS B 456 24.28 -12.02 2.47
C CYS B 456 24.44 -13.51 2.41
N GLY B 457 23.61 -14.15 1.58
CA GLY B 457 23.66 -15.60 1.29
C GLY B 457 23.59 -15.73 -0.23
N VAL B 458 22.58 -16.45 -0.72
CA VAL B 458 22.40 -16.66 -2.18
C VAL B 458 22.28 -15.26 -2.81
N GLY B 459 21.57 -14.39 -2.09
CA GLY B 459 21.37 -13.04 -2.52
C GLY B 459 22.09 -12.07 -1.57
N LYS B 460 22.54 -10.91 -2.08
CA LYS B 460 23.01 -9.84 -1.17
C LYS B 460 21.90 -8.80 -1.12
N ILE B 461 21.41 -8.48 0.09
CA ILE B 461 20.21 -7.64 0.25
C ILE B 461 20.56 -6.41 1.06
N PRO B 462 20.34 -5.23 0.47
CA PRO B 462 20.72 -4.01 1.17
C PRO B 462 19.87 -3.76 2.43
N PRO B 463 20.36 -2.90 3.31
CA PRO B 463 19.48 -2.67 4.46
C PRO B 463 18.28 -1.82 4.01
N THR B 464 17.22 -1.80 4.81
CA THR B 464 16.09 -0.88 4.56
C THR B 464 16.56 0.56 4.82
N TYR B 465 15.92 1.53 4.16
CA TYR B 465 16.25 2.94 4.38
C TYR B 465 15.08 3.80 3.94
N GLN B 466 15.08 5.04 4.41
CA GLN B 466 14.10 6.07 3.98
C GLN B 466 14.75 7.03 2.99
N ILE B 467 13.98 7.54 2.07
CA ILE B 467 14.49 8.42 1.04
C ILE B 467 13.31 9.32 0.60
N ARG B 468 13.64 10.53 0.11
CA ARG B 468 12.66 11.43 -0.46
C ARG B 468 13.14 11.69 -1.85
N PHE B 469 12.17 11.79 -2.76
CA PHE B 469 12.45 12.23 -4.10
C PHE B 469 11.99 13.64 -4.29
N LEU B 470 12.91 14.58 -4.51
CA LEU B 470 12.60 16.03 -4.57
C LEU B 470 12.49 16.46 -5.99
N PRO B 471 11.32 16.95 -6.40
CA PRO B 471 11.15 17.35 -7.81
C PRO B 471 12.18 18.41 -8.26
N ARG B 472 12.71 18.32 -9.48
CA ARG B 472 13.64 19.40 -9.87
C ARG B 472 12.87 20.69 -10.27
N HIS B 473 13.07 21.76 -9.49
CA HIS B 473 12.48 23.14 -9.63
C HIS B 473 12.83 24.08 -8.46
CHA HEM C . -16.13 5.56 8.99
CHB HEM C . -20.24 7.89 10.32
CHC HEM C . -17.84 10.17 13.83
CHD HEM C . -13.69 7.99 12.40
C1A HEM C . -17.44 5.99 9.01
C2A HEM C . -18.52 5.56 8.13
C3A HEM C . -19.63 6.21 8.50
C4A HEM C . -19.33 7.06 9.65
CMA HEM C . -21.07 6.09 7.88
CAA HEM C . -18.44 4.59 6.93
CBA HEM C . -18.60 3.15 7.33
CGA HEM C . -18.54 2.37 6.04
O1A HEM C . -17.54 2.62 5.30
O2A HEM C . -19.49 1.58 5.69
C1B HEM C . -19.92 8.69 11.36
C2B HEM C . -20.86 9.51 12.10
C3B HEM C . -20.18 10.15 13.06
C4B HEM C . -18.83 9.74 12.97
CMB HEM C . -22.37 9.59 11.79
CAB HEM C . -20.63 11.15 14.13
CBB HEM C . -21.85 11.62 14.29
C1C HEM C . -16.51 9.72 13.78
C2C HEM C . -15.46 10.04 14.75
C3C HEM C . -14.32 9.44 14.34
C4C HEM C . -14.61 8.72 13.12
CMC HEM C . -15.69 10.90 16.01
CAC HEM C . -12.92 9.52 14.99
CBC HEM C . -12.76 9.15 16.26
C1D HEM C . -13.95 7.15 11.33
C2D HEM C . -12.96 6.37 10.64
C3D HEM C . -13.72 5.63 9.58
C4D HEM C . -15.10 6.02 9.75
CMD HEM C . -11.45 6.36 10.90
CAD HEM C . -13.21 4.66 8.53
CBD HEM C . -13.39 3.26 9.14
CGD HEM C . -12.80 2.27 8.13
O1D HEM C . -12.25 1.25 8.61
O2D HEM C . -12.87 2.50 6.88
NA HEM C . -17.98 6.90 9.92
NB HEM C . -18.67 8.86 11.92
NC HEM C . -15.95 8.92 12.81
ND HEM C . -15.19 6.90 10.79
FE HEM C . -17.02 7.73 11.57
C7 CM5 D . -19.94 16.79 -19.77
C8 CM5 D . -21.01 17.46 -18.89
C9 CM5 D . -20.56 17.66 -17.44
C10 CM5 D . -19.12 18.17 -17.39
C11 CM5 D . -18.14 17.14 -17.99
C6 CM5 D . -18.76 16.17 -19.00
C5 CM5 D . -17.67 15.79 -19.99
C4 CM5 D . -17.98 14.48 -20.66
C3 CM5 D . -17.10 13.38 -20.09
C2 CM5 D . -16.18 12.82 -21.16
C1 CM5 D . -15.34 11.70 -20.55
O12 CM5 D . -14.36 11.48 -21.19
C13 CM5 D . -13.22 10.47 -20.59
C18 CM5 D . -13.54 9.05 -21.00
O22 CM5 D . -14.80 8.80 -20.84
C17 CM5 D . -12.73 8.08 -20.24
O21 CM5 D . -12.49 7.20 -21.43
O14 CM5 D . -12.12 11.12 -20.30
C15 CM5 D . -11.22 10.24 -19.54
C19 CM5 D . -9.77 10.63 -19.96
O20 CM5 D . -9.56 10.47 -21.37
C16 CM5 D . -11.26 8.65 -19.90
O23 CM5 D . -10.35 7.79 -19.35
C24 CM5 D . -9.72 6.62 -20.04
O25 CM5 D . -9.75 6.79 -21.59
C26 CM5 D . -8.72 7.38 -22.56
C30 CM5 D . -8.61 6.73 -23.73
O31 CM5 D . -9.75 6.73 -24.50
C27 CM5 D . -7.35 7.81 -21.87
O32 CM5 D . -6.67 8.93 -22.39
C28 CM5 D . -7.43 8.24 -20.36
O33 CM5 D . -6.30 7.36 -20.47
C29 CM5 D . -8.61 7.57 -19.52
O34 CM5 D . -8.54 8.49 -18.35
C7 CM5 E . -3.87 20.81 12.93
C8 CM5 E . -4.01 19.29 12.67
C9 CM5 E . -5.46 18.81 12.87
C10 CM5 E . -6.01 19.24 14.24
C11 CM5 E . -5.82 20.75 14.51
C6 CM5 E . -4.35 21.18 14.35
C5 CM5 E . -4.23 22.69 14.60
C4 CM5 E . -2.78 23.16 14.73
C3 CM5 E . -2.72 24.68 14.98
C2 CM5 E . -1.30 25.22 14.96
C1 CM5 E . -0.87 25.66 13.54
O12 CM5 E . 0.21 26.62 13.65
C13 CM5 E . 0.93 26.71 12.18
C18 CM5 E . 1.58 28.06 12.04
O22 CM5 E . 0.79 29.00 12.44
C17 CM5 E . 1.99 28.32 10.65
O21 CM5 E . 3.29 28.96 11.02
O14 CM5 E . 1.16 25.52 11.69
C15 CM5 E . 1.58 25.62 10.29
C19 CM5 E . 2.61 24.49 10.04
O20 CM5 E . 3.75 24.59 10.91
C16 CM5 E . 2.45 26.95 9.89
O23 CM5 E . 3.01 27.07 8.64
C24 CM5 E . 4.34 27.69 8.34
O25 CM5 E . 5.49 26.65 8.44
C26 CM5 E . 6.12 25.75 7.38
C30 CM5 E . 7.46 25.59 7.49
O31 CM5 E . 7.87 25.00 8.65
C27 CM5 E . 5.58 25.98 5.91
O32 CM5 E . 5.50 24.87 5.03
C28 CM5 E . 4.10 26.51 5.77
O33 CM5 E . 4.89 27.30 4.88
C29 CM5 E . 3.59 27.38 7.01
O34 CM5 E . 2.13 27.34 6.66
C7 CM5 F . -25.70 17.47 -11.01
C8 CM5 F . -25.38 16.87 -9.61
C9 CM5 F . -24.58 15.58 -9.72
C10 CM5 F . -25.35 14.58 -10.56
C11 CM5 F . -25.66 15.16 -11.97
C6 CM5 F . -26.46 16.46 -11.91
C5 CM5 F . -26.74 17.05 -13.36
C4 CM5 F . -28.17 16.73 -13.92
C3 CM5 F . -28.40 16.99 -15.45
C2 CM5 F . -29.85 16.56 -15.90
C1 CM5 F . -30.78 17.75 -16.34
O12 CM5 F . -32.26 17.54 -16.28
C13 CM5 F . -33.03 18.80 -16.28
C6 SNE G . -16.19 10.75 8.48
C1 SNE G . -15.72 10.66 7.25
C7 SNE G . -15.45 11.85 6.39
C9 SNE G . -16.40 11.86 5.19
C4 SNE G . -15.45 9.32 6.60
C3 SNE G . -14.96 9.69 5.19
C8 SNE G . -15.02 11.22 5.08
C2 SNE G . -13.95 11.97 4.31
C SNE G . -12.72 12.23 5.18
C5 SNE G . -14.50 13.28 3.74
C1 EDO H . -19.01 9.10 -2.40
O1 EDO H . -19.52 9.59 -3.65
C2 EDO H . -20.24 8.75 -1.54
O2 EDO H . -21.42 9.18 -2.23
CHA HEM I . 19.86 -16.63 -14.29
CHB HEM I . 21.77 -12.48 -12.52
CHC HEM I . 17.82 -10.16 -13.82
CHD HEM I . 15.81 -14.22 -15.39
C1A HEM I . 20.69 -15.72 -13.68
C2A HEM I . 21.97 -16.00 -13.09
C3A HEM I . 22.48 -14.88 -12.62
C4A HEM I . 21.55 -13.82 -12.88
CMA HEM I . 23.87 -14.68 -11.92
CAA HEM I . 22.66 -17.38 -12.97
CBA HEM I . 23.40 -17.75 -14.28
CGA HEM I . 24.10 -19.05 -13.94
O1A HEM I . 23.36 -20.00 -13.57
O2A HEM I . 25.37 -19.15 -13.97
C1B HEM I . 20.88 -11.48 -12.71
C2B HEM I . 21.05 -10.07 -12.38
C3B HEM I . 19.93 -9.44 -12.76
C4B HEM I . 19.05 -10.44 -13.33
CMB HEM I . 22.32 -9.45 -11.75
CAB HEM I . 19.50 -7.99 -12.64
CBB HEM I . 20.32 -7.07 -12.12
C1C HEM I . 16.94 -11.04 -14.39
C2C HEM I . 15.66 -10.68 -15.00
C3C HEM I . 15.12 -11.83 -15.43
C4C HEM I . 16.02 -12.89 -15.10
CMC HEM I . 15.09 -9.23 -15.12
CAC HEM I . 13.76 -12.07 -16.09
CBC HEM I . 13.35 -11.27 -17.07
C1D HEM I . 16.69 -15.25 -15.19
C2D HEM I . 16.39 -16.62 -15.50
C3D HEM I . 17.66 -17.37 -15.17
C4D HEM I . 18.58 -16.38 -14.70
CMD HEM I . 15.05 -17.15 -16.05
CAD HEM I . 17.95 -18.86 -15.28
CBD HEM I . 18.77 -19.01 -16.58
CGD HEM I . 18.95 -20.53 -16.82
O1D HEM I . 18.90 -20.94 -17.99
O2D HEM I . 19.12 -21.34 -15.84
NA HEM I . 20.45 -14.37 -13.53
NB HEM I . 19.64 -11.67 -13.26
NC HEM I . 17.13 -12.38 -14.49
ND HEM I . 18.00 -15.16 -14.76
FE HEM I . 18.89 -13.31 -14.24
C6 SNE J . 17.55 -14.42 -10.11
C1 SNE J . 17.46 -15.60 -9.51
C7 SNE J . 16.77 -15.76 -8.18
C9 SNE J . 17.78 -16.19 -7.12
C4 SNE J . 18.03 -16.86 -10.08
C3 SNE J . 17.71 -17.93 -9.05
C8 SNE J . 16.99 -17.24 -7.88
C2 SNE J . 15.85 -17.94 -7.16
C SNE J . 14.54 -17.75 -7.91
C5 SNE J . 15.74 -17.46 -5.72
C7 CM5 K . 1.09 -12.56 -8.89
C8 CM5 K . 2.04 -13.42 -9.74
C9 CM5 K . 3.43 -12.77 -9.86
C10 CM5 K . 3.34 -11.32 -10.35
C11 CM5 K . 2.35 -10.49 -9.52
C6 CM5 K . 0.95 -11.14 -9.46
C5 CM5 K . 0.02 -10.27 -8.60
C4 CM5 K . -1.46 -10.70 -8.72
C3 CM5 K . -2.34 -9.81 -7.84
C2 CM5 K . -3.79 -10.29 -7.78
C1 CM5 K . -4.03 -11.27 -6.63
O12 CM5 K . -5.43 -11.28 -6.29
C13 CM5 K . -5.76 -12.72 -5.57
C18 CM5 K . -6.95 -12.55 -4.66
O22 CM5 K . -6.57 -11.49 -3.77
C17 CM5 K . -7.11 -13.71 -3.77
O21 CM5 K . -8.61 -13.74 -3.90
O14 CM5 K . -5.25 -13.71 -6.26
C15 CM5 K . -5.34 -14.95 -5.47
C19 CM5 K . -5.58 -16.11 -6.48
O20 CM5 K . -6.77 -15.89 -7.25
C16 CM5 K . -6.65 -15.09 -4.49
O23 CM5 K . -6.90 -16.27 -3.83
C24 CM5 K . -8.21 -17.01 -3.82
O25 CM5 K . -8.10 -18.37 -4.57
C26 CM5 K . -7.79 -19.77 -4.04
C30 CM5 K . -8.49 -20.76 -4.62
O31 CM5 K . -8.29 -20.91 -5.96
C27 CM5 K . -7.62 -19.87 -2.46
O32 CM5 K . -6.70 -20.80 -1.95
C28 CM5 K . -7.12 -18.57 -1.73
O33 CM5 K . -8.23 -19.06 -0.96
C29 CM5 K . -7.50 -17.19 -2.46
O34 CM5 K . -6.56 -16.32 -1.68
C7 CM5 L . 26.58 -20.06 10.12
C8 CM5 L . 25.91 -19.69 8.77
C9 CM5 L . 26.79 -19.95 7.55
C10 CM5 L . 27.23 -21.40 7.53
C11 CM5 L . 27.84 -21.88 8.86
C6 CM5 L . 27.93 -20.84 10.00
C5 CM5 L . 28.35 -21.47 11.40
C4 CM5 L . 29.89 -21.73 11.59
C3 CM5 L . 30.41 -21.82 13.06
C2 CM5 L . 31.97 -21.67 13.15
C1 CM5 L . 32.51 -20.84 14.36
O12 CM5 L . 33.00 -19.45 14.13
C13 CM5 L . 33.34 -18.76 15.37
C7 CM5 M . 24.28 -30.04 13.60
C8 CM5 M . 24.41 -28.47 13.51
C9 CM5 M . 23.07 -27.78 13.30
C10 CM5 M . 22.24 -28.50 12.22
C11 CM5 M . 22.20 -30.03 12.37
C6 CM5 M . 23.59 -30.66 12.37
C5 CM5 M . 23.54 -32.22 12.39
C4 CM5 M . 23.43 -32.87 10.98
C3 CM5 M . 23.67 -34.40 10.89
C2 CM5 M . 22.57 -35.17 10.08
C1 CM5 M . 22.97 -35.73 8.68
O12 CM5 M . 22.11 -36.81 8.05
C13 CM5 M . 21.33 -36.41 6.86
C1 EDO N . 24.11 -20.50 -4.08
O1 EDO N . 25.13 -20.10 -3.17
C2 EDO N . 23.35 -21.58 -3.33
O2 EDO N . 23.94 -21.64 -2.01
#